data_8VOF
#
_entry.id   8VOF
#
_cell.length_a   48.570
_cell.length_b   105.224
_cell.length_c   186.423
_cell.angle_alpha   90.00
_cell.angle_beta   90.00
_cell.angle_gamma   90.00
#
_symmetry.space_group_name_H-M   'P 21 21 21'
#
loop_
_entity.id
_entity.type
_entity.pdbx_description
1 polymer 'Isoform 2 of Phosphatidylinositol 4-kinase beta,Isoform 2 of Phosphatidylinositol 4-kinase beta,Phosphatidylinositol 4-kinase beta'
2 polymer 'Ras-related protein Rab-11A'
3 non-polymer 'methyl 2-chloro-5-(methyl{(8R)-3-[4-(methylcarbamoyl)phenyl]pyrazolo[1,5-a]pyridine-5-carbonyl}amino)benzoate'
4 non-polymer 'SULFATE ION'
5 non-polymer "GUANOSINE-5'-DIPHOSPHATE"
6 water water
#
loop_
_entity_poly.entity_id
_entity_poly.type
_entity_poly.pdbx_seq_one_letter_code
_entity_poly.pdbx_strand_id
1 'polypeptide(L)'
;GSHMQNNSAKQSWLLRLFESKLFDISMAISYLYNSKEPGVQAYIGNRLFCFRNEDVDFYLPQLLNMYIHMDEDVGDAIKP
YIVHRCRQSINFSLQCALLLGAYSSDMHISTQRHSRGTKLRKLILSDELKPANLKRTAANPKVENEDEPVRLAPEREFIK
SLMAIGKRLATLPTKEQKTQRLISELSLLNHKLPARVWLPTAGFDHHVVRVPHTQAVVYNSKDKAPYLIYVEVLECENFD
TTSVPARIPENRRDPEDPSAVALKEPWQEKVRRIREGSPYGHLPNWRLLSVIVKCGDDLRQELLAFQVLKQLQSIWEQER
VPLWIKPYKILVISADSGMIEYVVNAVSIHQVKKQSQLSLLDYFLQEHGSYTTEAFLSAQRNFVQSCAGYCLVCYLLQVK
DRHNGNILLDAEGHIIHIDFGFILSSSPRNLGFETSAFKLTTEFVDVMGGLDGDMFNYYKMLMLQGLIAARKHMDKVVQI
VEIMQQGSQLPCFHGSSTIRNLKERFHMSMTEEQLQLLVEQMVDGSMRS
;
A
2 'polypeptide(L)'
;MGTRDDEYDYLFKVVLIGDSGVGKSNLLSRFTRNEFNLESKSTIGVEFATRSIQVDGKTIKAQIWDTAGLERYRAITSAY
YRGAVGALLVYDIAKHLTYENVERWLKELRDHADSNIVIMLVGNKSDLRHLRAVPTDEARAFAEKNGLSFIETSALDSTN
VEAAFQTILTEIYRIVSQKQMSDRRENDMSPSNNVVPIHVPPTTENKPKVQCCQNI
;
B
#
# COMPACT_ATOMS: atom_id res chain seq x y z
N GLN A 11 17.34 -19.29 -2.19
CA GLN A 11 18.00 -19.71 -3.44
C GLN A 11 18.86 -18.55 -3.96
N SER A 12 19.94 -18.86 -4.69
CA SER A 12 20.81 -17.80 -5.28
C SER A 12 20.00 -16.99 -6.27
N TRP A 13 19.13 -17.65 -7.05
CA TRP A 13 18.36 -16.94 -8.09
C TRP A 13 17.46 -15.89 -7.45
N LEU A 14 16.83 -16.24 -6.33
CA LEU A 14 15.87 -15.27 -5.75
C LEU A 14 16.62 -13.99 -5.33
N LEU A 15 17.78 -14.14 -4.71
CA LEU A 15 18.52 -12.95 -4.26
C LEU A 15 18.92 -12.17 -5.51
N ARG A 16 19.25 -12.88 -6.57
CA ARG A 16 19.64 -12.22 -7.84
C ARG A 16 18.43 -11.43 -8.34
N LEU A 17 17.26 -12.04 -8.33
CA LEU A 17 16.06 -11.33 -8.86
C LEU A 17 15.83 -10.09 -7.99
N PHE A 18 15.96 -10.24 -6.68
CA PHE A 18 15.69 -9.09 -5.79
C PHE A 18 16.69 -8.01 -6.11
N GLU A 19 17.95 -8.41 -6.31
CA GLU A 19 19.02 -7.45 -6.69
C GLU A 19 18.67 -6.87 -8.07
N SER A 20 18.13 -7.70 -8.96
CA SER A 20 17.86 -7.25 -10.35
C SER A 20 16.84 -6.12 -10.34
N LYS A 21 16.98 -5.16 -11.25
CA LYS A 21 16.07 -3.99 -11.26
C LYS A 21 14.64 -4.49 -11.49
N LEU A 22 14.46 -5.48 -12.35
CA LEU A 22 13.12 -6.09 -12.54
C LEU A 22 12.37 -6.15 -11.18
N PHE A 23 13.09 -6.09 -10.06
CA PHE A 23 12.42 -6.14 -8.76
C PHE A 23 11.81 -4.78 -8.46
N ASP A 24 10.51 -4.64 -8.67
CA ASP A 24 9.80 -3.41 -8.37
C ASP A 24 8.98 -3.57 -7.09
N ILE A 25 8.26 -2.49 -6.72
CA ILE A 25 7.48 -2.50 -5.49
C ILE A 25 6.32 -3.49 -5.58
N SER A 26 5.79 -3.71 -6.79
CA SER A 26 4.73 -4.70 -6.94
C SER A 26 5.25 -6.11 -6.69
N MET A 27 6.48 -6.40 -7.12
CA MET A 27 7.04 -7.74 -6.93
C MET A 27 7.39 -7.99 -5.47
N ALA A 28 7.86 -6.96 -4.76
CA ALA A 28 8.14 -7.11 -3.34
C ALA A 28 6.88 -7.47 -2.56
N ILE A 29 5.73 -6.93 -2.99
CA ILE A 29 4.47 -7.22 -2.32
C ILE A 29 4.08 -8.69 -2.53
N SER A 30 4.25 -9.18 -3.76
CA SER A 30 3.82 -10.54 -4.08
C SER A 30 4.60 -11.57 -3.29
N TYR A 31 5.92 -11.41 -3.22
CA TYR A 31 6.74 -12.36 -2.46
C TYR A 31 6.48 -12.23 -0.96
N LEU A 32 6.24 -11.01 -0.48
CA LEU A 32 5.92 -10.82 0.94
C LEU A 32 4.60 -11.50 1.29
N TYR A 33 3.68 -11.59 0.34
CA TYR A 33 2.39 -12.24 0.57
C TYR A 33 2.41 -13.73 0.31
N ASN A 34 3.36 -14.23 -0.46
CA ASN A 34 3.39 -15.64 -0.85
C ASN A 34 4.53 -16.44 -0.24
N SER A 35 5.70 -15.82 0.00
CA SER A 35 6.82 -16.56 0.53
C SER A 35 6.57 -16.96 1.98
N LYS A 36 6.77 -18.23 2.30
CA LYS A 36 6.72 -18.73 3.66
C LYS A 36 8.10 -18.74 4.33
N GLU A 37 9.13 -18.24 3.65
CA GLU A 37 10.45 -18.14 4.24
C GLU A 37 10.57 -16.81 4.97
N PRO A 38 10.77 -16.82 6.29
CA PRO A 38 10.89 -15.53 7.01
C PRO A 38 12.09 -14.71 6.58
N GLY A 39 13.21 -15.35 6.24
CA GLY A 39 14.36 -14.61 5.78
C GLY A 39 14.09 -13.83 4.50
N VAL A 40 13.21 -14.35 3.65
CA VAL A 40 12.79 -13.61 2.46
C VAL A 40 11.84 -12.48 2.83
N GLN A 41 10.91 -12.76 3.74
CA GLN A 41 9.98 -11.72 4.19
C GLN A 41 10.71 -10.59 4.89
N ALA A 42 11.72 -10.92 5.70
CA ALA A 42 12.49 -9.90 6.41
C ALA A 42 13.37 -9.12 5.45
N TYR A 43 13.94 -9.79 4.44
CA TYR A 43 14.74 -9.08 3.45
C TYR A 43 13.91 -8.04 2.71
N ILE A 44 12.71 -8.43 2.29
CA ILE A 44 11.83 -7.50 1.59
C ILE A 44 11.37 -6.39 2.52
N GLY A 45 11.10 -6.73 3.79
CA GLY A 45 10.74 -5.71 4.77
C GLY A 45 11.79 -4.65 4.96
N ASN A 46 13.02 -4.91 4.51
CA ASN A 46 14.08 -3.90 4.57
C ASN A 46 14.23 -3.15 3.26
N ARG A 47 13.84 -3.77 2.13
CA ARG A 47 13.88 -3.09 0.84
C ARG A 47 12.78 -2.06 0.68
N LEU A 48 11.72 -2.13 1.49
CA LEU A 48 10.67 -1.11 1.45
C LEU A 48 11.23 0.28 1.71
N PHE A 49 12.29 0.37 2.53
CA PHE A 49 12.93 1.66 2.79
C PHE A 49 13.64 2.21 1.57
N CYS A 50 14.00 1.36 0.60
CA CYS A 50 14.74 1.79 -0.57
C CYS A 50 13.84 2.12 -1.77
N PHE A 51 12.56 1.74 -1.72
CA PHE A 51 11.63 2.17 -2.76
C PHE A 51 11.26 3.63 -2.56
N ARG A 52 10.62 4.20 -3.58
CA ARG A 52 10.13 5.57 -3.47
C ARG A 52 8.99 5.63 -2.45
N ASN A 53 8.87 6.79 -1.78
CA ASN A 53 7.77 7.00 -0.86
C ASN A 53 6.43 6.80 -1.55
N GLU A 54 6.28 7.37 -2.75
CA GLU A 54 5.00 7.33 -3.44
C GLU A 54 4.65 5.94 -3.91
N ASP A 55 5.65 5.13 -4.26
CA ASP A 55 5.37 3.80 -4.81
C ASP A 55 4.81 2.87 -3.74
N VAL A 56 5.33 2.96 -2.50
CA VAL A 56 4.87 2.05 -1.46
C VAL A 56 3.50 2.46 -0.93
N ASP A 57 3.19 3.76 -0.96
CA ASP A 57 1.94 4.23 -0.36
C ASP A 57 0.73 3.68 -1.08
N PHE A 58 0.81 3.53 -2.41
CA PHE A 58 -0.29 2.95 -3.18
C PHE A 58 -0.67 1.56 -2.70
N TYR A 59 0.22 0.86 -2.01
CA TYR A 59 -0.04 -0.48 -1.50
C TYR A 59 -0.28 -0.49 0.00
N LEU A 60 -0.53 0.67 0.62
CA LEU A 60 -0.72 0.71 2.07
C LEU A 60 -1.92 -0.09 2.55
N PRO A 61 -3.09 -0.08 1.90
CA PRO A 61 -4.16 -0.98 2.33
C PRO A 61 -3.78 -2.45 2.24
N GLN A 62 -2.88 -2.82 1.33
CA GLN A 62 -2.43 -4.21 1.24
C GLN A 62 -1.46 -4.53 2.37
N LEU A 63 -0.58 -3.59 2.71
CA LEU A 63 0.39 -3.83 3.78
C LEU A 63 -0.29 -3.92 5.13
N LEU A 64 -1.12 -2.93 5.48
CA LEU A 64 -1.78 -2.94 6.78
C LEU A 64 -2.77 -4.09 6.90
N ASN A 65 -3.36 -4.53 5.78
CA ASN A 65 -4.19 -5.72 5.83
C ASN A 65 -3.33 -6.98 6.00
N MET A 66 -2.07 -6.93 5.56
CA MET A 66 -1.17 -8.06 5.79
C MET A 66 -0.64 -8.07 7.21
N TYR A 67 -0.33 -6.89 7.77
CA TYR A 67 0.11 -6.84 9.16
C TYR A 67 -0.98 -7.35 10.10
N ILE A 68 -2.24 -7.11 9.77
CA ILE A 68 -3.33 -7.46 10.67
C ILE A 68 -3.68 -8.94 10.56
N HIS A 69 -3.73 -9.47 9.33
CA HIS A 69 -4.31 -10.78 9.09
C HIS A 69 -3.31 -11.88 8.76
N MET A 70 -2.05 -11.55 8.50
CA MET A 70 -1.07 -12.59 8.24
C MET A 70 -0.34 -12.97 9.52
N ASP A 71 0.44 -14.03 9.46
CA ASP A 71 1.18 -14.49 10.62
C ASP A 71 2.17 -13.43 11.07
N GLU A 72 2.59 -13.54 12.34
CA GLU A 72 3.42 -12.52 12.96
C GLU A 72 4.75 -12.31 12.23
N ASP A 73 5.19 -13.29 11.43
CA ASP A 73 6.41 -13.09 10.66
C ASP A 73 6.21 -12.05 9.56
N VAL A 74 5.11 -12.16 8.82
CA VAL A 74 4.81 -11.16 7.78
C VAL A 74 4.59 -9.80 8.41
N GLY A 75 3.86 -9.75 9.52
CA GLY A 75 3.55 -8.47 10.14
C GLY A 75 4.77 -7.77 10.71
N ASP A 76 5.59 -8.51 11.46
CA ASP A 76 6.78 -7.91 12.08
C ASP A 76 7.86 -7.55 11.07
N ALA A 77 7.69 -7.95 9.81
CA ALA A 77 8.58 -7.49 8.75
C ALA A 77 8.11 -6.19 8.11
N ILE A 78 6.85 -5.81 8.32
CA ILE A 78 6.27 -4.62 7.74
C ILE A 78 6.31 -3.48 8.75
N LYS A 79 6.23 -3.84 10.03
CA LYS A 79 6.15 -2.83 11.09
C LYS A 79 7.27 -1.80 11.08
N PRO A 80 8.54 -2.15 10.84
CA PRO A 80 9.58 -1.09 10.86
C PRO A 80 9.38 -0.02 9.80
N TYR A 81 8.95 -0.38 8.59
CA TYR A 81 8.74 0.63 7.56
C TYR A 81 7.54 1.52 7.88
N ILE A 82 6.49 0.93 8.46
CA ILE A 82 5.31 1.71 8.82
C ILE A 82 5.64 2.72 9.91
N VAL A 83 6.36 2.27 10.94
CA VAL A 83 6.76 3.18 12.02
C VAL A 83 7.65 4.29 11.48
N HIS A 84 8.56 3.96 10.57
CA HIS A 84 9.42 4.96 9.97
C HIS A 84 8.61 5.97 9.15
N ARG A 85 7.63 5.48 8.39
CA ARG A 85 6.82 6.38 7.57
C ARG A 85 5.86 7.19 8.43
N CYS A 86 5.38 6.62 9.54
CA CYS A 86 4.47 7.38 10.41
C CYS A 86 5.17 8.58 11.03
N ARG A 87 6.48 8.48 11.28
CA ARG A 87 7.23 9.60 11.82
C ARG A 87 7.48 10.67 10.75
N GLN A 88 7.67 10.25 9.50
CA GLN A 88 7.96 11.22 8.44
C GLN A 88 6.72 12.03 8.08
N SER A 89 5.57 11.36 7.97
CA SER A 89 4.34 12.00 7.49
C SER A 89 3.24 11.80 8.51
N ILE A 90 2.66 12.91 8.98
CA ILE A 90 1.50 12.82 9.87
C ILE A 90 0.28 12.34 9.09
N ASN A 91 0.20 12.68 7.80
CA ASN A 91 -0.87 12.15 6.96
C ASN A 91 -0.75 10.63 6.85
N PHE A 92 0.47 10.12 6.68
CA PHE A 92 0.68 8.68 6.70
C PHE A 92 0.24 8.08 8.03
N SER A 93 0.54 8.77 9.15
CA SER A 93 0.08 8.30 10.45
C SER A 93 -1.45 8.25 10.51
N LEU A 94 -2.10 9.30 9.99
CA LEU A 94 -3.56 9.35 10.03
C LEU A 94 -4.17 8.22 9.21
N GLN A 95 -3.78 8.10 7.94
CA GLN A 95 -4.37 7.07 7.10
C GLN A 95 -4.03 5.66 7.58
N CYS A 96 -2.92 5.50 8.29
CA CYS A 96 -2.59 4.20 8.87
C CYS A 96 -3.58 3.82 9.96
N ALA A 97 -3.72 4.70 10.97
CA ALA A 97 -4.64 4.42 12.07
C ALA A 97 -6.06 4.22 11.57
N LEU A 98 -6.48 5.01 10.57
CA LEU A 98 -7.81 4.85 10.01
C LEU A 98 -7.95 3.48 9.34
N LEU A 99 -6.95 3.08 8.55
CA LEU A 99 -7.03 1.79 7.87
C LEU A 99 -6.81 0.63 8.82
N LEU A 100 -6.02 0.83 9.88
CA LEU A 100 -5.82 -0.24 10.86
C LEU A 100 -7.13 -0.59 11.56
N GLY A 101 -7.79 0.42 12.14
CA GLY A 101 -9.06 0.20 12.79
C GLY A 101 -10.20 -0.14 11.85
N ALA A 102 -10.04 0.09 10.55
CA ALA A 102 -11.11 -0.20 9.61
C ALA A 102 -11.19 -1.69 9.27
N TYR A 103 -10.04 -2.36 9.15
CA TYR A 103 -10.02 -3.73 8.68
C TYR A 103 -10.00 -4.77 9.79
N SER A 104 -9.73 -4.37 11.03
CA SER A 104 -9.75 -5.31 12.17
C SER A 104 -11.11 -5.18 12.85
N SER A 105 -12.12 -5.77 12.20
CA SER A 105 -13.50 -5.72 12.66
C SER A 105 -13.99 -4.30 12.86
N HIS A 114 -9.45 -5.49 17.07
CA HIS A 114 -8.76 -6.49 17.92
C HIS A 114 -7.39 -6.84 17.33
N SER A 115 -6.61 -7.67 18.02
CA SER A 115 -5.29 -8.17 17.51
C SER A 115 -4.19 -7.11 17.60
N ARG A 116 -3.07 -7.33 16.90
CA ARG A 116 -1.90 -6.43 16.95
C ARG A 116 -2.23 -5.04 16.41
N GLY A 117 -3.04 -4.96 15.36
CA GLY A 117 -3.25 -3.64 14.71
C GLY A 117 -3.86 -2.64 15.66
N THR A 118 -4.84 -3.05 16.47
CA THR A 118 -5.37 -2.11 17.47
C THR A 118 -4.23 -1.56 18.27
N LYS A 119 -3.32 -2.43 18.73
CA LYS A 119 -2.24 -1.96 19.62
C LYS A 119 -1.35 -0.97 18.86
N LEU A 120 -1.06 -1.28 17.60
CA LEU A 120 -0.22 -0.36 16.76
C LEU A 120 -0.97 0.95 16.59
N ARG A 121 -2.28 0.87 16.36
CA ARG A 121 -3.06 2.09 16.09
C ARG A 121 -2.99 2.98 17.33
N LYS A 122 -3.11 2.37 18.51
CA LYS A 122 -3.12 3.19 19.74
C LYS A 122 -1.79 3.92 19.85
N LEU A 123 -0.71 3.21 19.53
CA LEU A 123 0.62 3.83 19.66
C LEU A 123 0.71 5.00 18.68
N ILE A 124 0.20 4.81 17.46
CA ILE A 124 0.33 5.90 16.44
C ILE A 124 -0.44 7.12 16.95
N LEU A 125 -1.63 6.88 17.50
CA LEU A 125 -2.45 7.99 18.03
C LEU A 125 -1.74 8.65 19.22
N SER A 126 -1.11 7.84 20.08
CA SER A 126 -0.52 8.40 21.33
C SER A 126 0.71 9.29 21.04
N ASP A 127 1.64 8.82 20.21
CA ASP A 127 2.89 9.59 19.99
C ASP A 127 2.61 10.73 19.02
N ARG A 151 -0.34 15.73 18.23
CA ARG A 151 -0.47 16.63 17.10
C ARG A 151 -1.56 16.13 16.14
N LEU A 152 -1.94 14.87 16.31
CA LEU A 152 -3.02 14.28 15.53
C LEU A 152 -4.39 14.62 16.10
N ALA A 153 -4.45 15.19 17.30
CA ALA A 153 -5.75 15.51 17.92
C ALA A 153 -6.53 16.58 17.16
N PRO A 154 -5.94 17.66 16.64
CA PRO A 154 -6.75 18.60 15.85
C PRO A 154 -7.33 17.98 14.59
N GLU A 155 -6.56 17.13 13.90
CA GLU A 155 -7.08 16.48 12.71
C GLU A 155 -8.18 15.48 13.05
N ARG A 156 -7.98 14.67 14.09
CA ARG A 156 -9.00 13.70 14.47
C ARG A 156 -10.27 14.38 14.95
N GLU A 157 -10.15 15.57 15.56
CA GLU A 157 -11.34 16.30 15.99
C GLU A 157 -12.14 16.81 14.80
N PHE A 158 -11.45 17.28 13.75
CA PHE A 158 -12.13 17.79 12.58
C PHE A 158 -12.91 16.68 11.87
N ILE A 159 -12.28 15.54 11.66
CA ILE A 159 -12.94 14.42 10.99
C ILE A 159 -14.10 13.89 11.84
N LYS A 160 -13.90 13.83 13.16
CA LYS A 160 -14.98 13.37 14.04
C LYS A 160 -16.16 14.32 14.01
N SER A 161 -15.93 15.61 13.71
CA SER A 161 -17.02 16.56 13.64
C SER A 161 -17.85 16.33 12.37
N LEU A 162 -17.19 16.19 11.23
CA LEU A 162 -17.91 16.02 9.96
C LEU A 162 -18.77 14.77 9.97
N MET A 163 -18.34 13.72 10.66
CA MET A 163 -19.17 12.53 10.79
C MET A 163 -20.28 12.73 11.79
N ALA A 164 -20.08 13.59 12.80
CA ALA A 164 -21.14 13.88 13.75
C ALA A 164 -22.24 14.73 13.10
N ILE A 165 -21.87 15.60 12.16
CA ILE A 165 -22.87 16.40 11.46
C ILE A 165 -23.79 15.52 10.65
N GLY A 166 -23.21 14.59 9.89
CA GLY A 166 -24.03 13.72 9.05
C GLY A 166 -24.98 12.85 9.86
N LYS A 167 -24.55 12.40 11.02
CA LYS A 167 -25.42 11.59 11.87
C LYS A 167 -26.54 12.42 12.49
N ARG A 168 -26.27 13.70 12.80
CA ARG A 168 -27.30 14.54 13.40
C ARG A 168 -28.40 14.89 12.40
N LEU A 169 -28.08 14.93 11.11
CA LEU A 169 -29.08 15.23 10.08
C LEU A 169 -30.07 14.10 9.87
N ALA A 170 -30.02 13.03 10.66
CA ALA A 170 -30.90 11.88 10.46
C ALA A 170 -32.32 12.14 10.93
N THR A 171 -32.50 13.01 11.93
CA THR A 171 -33.84 13.31 12.43
C THR A 171 -34.63 14.23 11.49
N LEU A 172 -33.95 15.01 10.66
CA LEU A 172 -34.62 15.93 9.76
C LEU A 172 -35.12 15.18 8.53
N PRO A 173 -36.44 15.15 8.29
CA PRO A 173 -36.96 14.27 7.23
C PRO A 173 -36.65 14.75 5.82
N THR A 174 -36.81 16.03 5.53
CA THR A 174 -36.63 16.53 4.18
C THR A 174 -35.17 16.89 3.93
N LYS A 175 -34.77 16.78 2.65
CA LYS A 175 -33.41 17.09 2.27
C LYS A 175 -33.09 18.57 2.43
N GLU A 176 -34.11 19.44 2.43
CA GLU A 176 -33.88 20.85 2.67
C GLU A 176 -33.73 21.16 4.16
N GLN A 177 -34.43 20.39 5.02
CA GLN A 177 -34.24 20.54 6.45
C GLN A 177 -32.84 20.07 6.87
N LYS A 178 -32.34 19.02 6.22
CA LYS A 178 -30.97 18.57 6.47
C LYS A 178 -29.96 19.63 6.05
N THR A 179 -30.16 20.25 4.89
CA THR A 179 -29.25 21.27 4.41
C THR A 179 -29.26 22.50 5.32
N GLN A 180 -30.42 22.82 5.92
CA GLN A 180 -30.50 23.99 6.79
C GLN A 180 -29.61 23.82 8.01
N ARG A 181 -29.56 22.60 8.57
CA ARG A 181 -28.69 22.35 9.72
C ARG A 181 -27.25 22.09 9.30
N LEU A 182 -27.05 21.49 8.13
CA LEU A 182 -25.70 21.26 7.63
C LEU A 182 -24.92 22.56 7.50
N ILE A 183 -25.55 23.60 6.94
CA ILE A 183 -24.84 24.84 6.68
C ILE A 183 -24.50 25.58 7.97
N SER A 184 -25.43 25.57 8.94
CA SER A 184 -25.18 26.28 10.18
C SER A 184 -24.16 25.56 11.06
N GLU A 185 -24.12 24.22 10.99
CA GLU A 185 -23.13 23.49 11.77
C GLU A 185 -21.74 23.62 11.17
N LEU A 186 -21.64 23.62 9.83
CA LEU A 186 -20.34 23.80 9.20
C LEU A 186 -19.80 25.22 9.42
N SER A 187 -20.69 26.19 9.60
CA SER A 187 -20.27 27.55 9.93
C SER A 187 -19.61 27.64 11.29
N LEU A 188 -19.70 26.59 12.11
CA LEU A 188 -19.04 26.55 13.40
C LEU A 188 -17.63 25.99 13.34
N LEU A 189 -17.29 25.24 12.28
CA LEU A 189 -15.93 24.76 12.12
C LEU A 189 -14.96 25.91 11.90
N ASN A 190 -15.44 27.02 11.33
CA ASN A 190 -14.57 28.17 11.08
C ASN A 190 -14.06 28.80 12.37
N HIS A 191 -14.67 28.50 13.51
CA HIS A 191 -14.14 28.95 14.79
C HIS A 191 -12.84 28.25 15.14
N LYS A 192 -12.57 27.09 14.56
CA LYS A 192 -11.37 26.31 14.83
C LYS A 192 -10.39 26.31 13.67
N LEU A 193 -10.47 27.31 12.80
CA LEU A 193 -9.63 27.36 11.60
C LEU A 193 -8.93 28.70 11.52
N PRO A 194 -7.70 28.74 10.98
CA PRO A 194 -6.90 27.61 10.46
C PRO A 194 -6.36 26.72 11.56
N ALA A 195 -5.96 25.49 11.24
CA ALA A 195 -5.46 24.54 12.24
C ALA A 195 -4.61 23.51 11.52
N ARG A 196 -4.01 22.60 12.30
CA ARG A 196 -3.24 21.47 11.76
C ARG A 196 -4.19 20.39 11.24
N VAL A 197 -4.98 20.76 10.24
CA VAL A 197 -6.07 19.95 9.73
C VAL A 197 -5.99 19.91 8.21
N TRP A 198 -6.12 18.72 7.64
CA TRP A 198 -5.98 18.54 6.20
C TRP A 198 -7.03 17.55 5.70
N LEU A 199 -7.19 17.51 4.38
CA LEU A 199 -8.05 16.54 3.70
C LEU A 199 -7.17 15.57 2.92
N PRO A 200 -7.09 14.30 3.34
CA PRO A 200 -6.18 13.37 2.66
C PRO A 200 -6.54 13.07 1.21
N THR A 201 -7.76 13.39 0.76
CA THR A 201 -8.14 13.13 -0.62
C THR A 201 -7.51 14.11 -1.61
N ALA A 202 -6.89 15.18 -1.12
CA ALA A 202 -6.17 16.10 -1.98
C ALA A 202 -4.73 15.61 -2.17
N GLY A 203 -4.26 15.64 -3.41
CA GLY A 203 -2.94 15.13 -3.73
C GLY A 203 -1.78 15.91 -3.13
N PHE A 204 -2.02 17.12 -2.63
CA PHE A 204 -0.97 17.98 -2.13
C PHE A 204 -1.13 18.23 -0.63
N ASP A 205 -0.04 18.67 -0.01
CA ASP A 205 -0.06 19.04 1.39
C ASP A 205 -0.66 20.44 1.55
N HIS A 206 -1.44 20.63 2.61
CA HIS A 206 -2.20 21.86 2.76
C HIS A 206 -2.69 21.98 4.20
N HIS A 207 -3.21 23.17 4.51
CA HIS A 207 -3.95 23.43 5.74
C HIS A 207 -5.34 23.93 5.37
N VAL A 208 -6.34 23.48 6.12
CA VAL A 208 -7.69 24.01 5.96
C VAL A 208 -7.77 25.35 6.69
N VAL A 209 -8.18 26.38 5.95
CA VAL A 209 -8.20 27.74 6.54
C VAL A 209 -9.65 28.22 6.69
N ARG A 210 -10.49 28.04 5.68
CA ARG A 210 -11.91 28.42 5.80
C ARG A 210 -12.84 27.40 5.15
N VAL A 211 -14.06 27.27 5.67
CA VAL A 211 -15.06 26.40 4.98
C VAL A 211 -16.22 27.34 4.60
N PRO A 212 -16.68 27.39 3.33
CA PRO A 212 -17.85 28.20 3.03
C PRO A 212 -19.00 27.29 3.32
N HIS A 213 -19.71 27.58 4.41
CA HIS A 213 -20.86 26.74 4.84
C HIS A 213 -21.99 26.78 3.83
N THR A 214 -22.24 27.93 3.23
CA THR A 214 -23.44 28.11 2.37
C THR A 214 -23.45 27.17 1.19
N GLN A 215 -22.32 26.93 0.55
CA GLN A 215 -22.33 26.12 -0.69
C GLN A 215 -22.57 24.62 -0.39
N ALA A 216 -22.47 24.16 0.86
CA ALA A 216 -22.63 22.75 1.13
C ALA A 216 -24.08 22.32 0.93
N VAL A 217 -24.26 21.10 0.42
CA VAL A 217 -25.58 20.58 0.08
C VAL A 217 -25.68 19.13 0.55
N VAL A 218 -26.85 18.77 1.10
CA VAL A 218 -27.17 17.38 1.41
C VAL A 218 -27.82 16.74 0.19
N TYR A 219 -27.39 15.52 -0.13
CA TYR A 219 -27.77 14.92 -1.40
C TYR A 219 -29.25 14.56 -1.44
N ASN A 220 -29.70 13.73 -0.50
CA ASN A 220 -31.07 13.23 -0.53
C ASN A 220 -31.64 13.26 0.88
N SER A 221 -32.86 12.74 1.02
CA SER A 221 -33.59 12.73 2.28
C SER A 221 -33.39 11.44 3.07
N LYS A 222 -32.39 10.64 2.73
CA LYS A 222 -32.16 9.38 3.42
C LYS A 222 -31.65 9.64 4.85
N ASP A 223 -31.78 8.61 5.69
CA ASP A 223 -31.29 8.73 7.06
C ASP A 223 -29.77 8.83 7.10
N LYS A 224 -29.10 7.93 6.39
CA LYS A 224 -27.64 8.02 6.22
C LYS A 224 -27.30 8.80 4.94
N ALA A 225 -27.85 10.00 4.83
CA ALA A 225 -27.73 10.77 3.61
C ALA A 225 -26.32 11.34 3.48
N PRO A 226 -25.68 11.22 2.32
CA PRO A 226 -24.39 11.88 2.11
C PRO A 226 -24.58 13.38 1.93
N TYR A 227 -23.48 14.11 2.08
CA TYR A 227 -23.50 15.54 1.82
C TYR A 227 -22.17 15.97 1.24
N LEU A 228 -22.21 17.07 0.48
CA LEU A 228 -21.04 17.65 -0.14
C LEU A 228 -20.61 18.89 0.64
N ILE A 229 -19.30 19.12 0.71
CA ILE A 229 -18.75 20.29 1.36
C ILE A 229 -17.62 20.87 0.51
N TYR A 230 -17.53 22.20 0.52
CA TYR A 230 -16.44 22.92 -0.12
C TYR A 230 -15.52 23.47 0.96
N VAL A 231 -14.21 23.36 0.74
CA VAL A 231 -13.21 23.73 1.73
C VAL A 231 -12.13 24.56 1.07
N GLU A 232 -11.82 25.72 1.67
CA GLU A 232 -10.71 26.55 1.24
C GLU A 232 -9.45 26.11 1.99
N VAL A 233 -8.39 25.80 1.24
CA VAL A 233 -7.14 25.34 1.82
C VAL A 233 -6.00 26.23 1.34
N LEU A 234 -4.83 26.03 1.94
CA LEU A 234 -3.61 26.72 1.56
C LEU A 234 -2.51 25.70 1.39
N GLU A 235 -1.99 25.57 0.17
CA GLU A 235 -1.01 24.55 -0.15
C GLU A 235 0.37 24.94 0.33
N CYS A 236 1.15 23.94 0.76
CA CYS A 236 2.49 24.13 1.25
C CYS A 236 3.43 23.15 0.56
N GLU A 237 4.73 23.33 0.80
CA GLU A 237 5.74 22.44 0.21
C GLU A 237 5.78 21.09 0.93
N ASN A 238 5.75 21.10 2.26
CA ASN A 238 5.69 19.88 3.04
C ASN A 238 4.89 20.16 4.29
N PHE A 239 3.85 19.36 4.54
CA PHE A 239 2.91 19.67 5.61
C PHE A 239 3.58 19.61 6.97
N ASP A 240 4.46 18.64 7.18
CA ASP A 240 5.08 18.43 8.48
C ASP A 240 6.26 19.36 8.75
N THR A 241 6.37 20.47 8.02
CA THR A 241 7.42 21.44 8.28
C THR A 241 6.85 22.84 8.37
N THR A 242 5.80 23.12 7.59
CA THR A 242 5.19 24.44 7.57
C THR A 242 4.21 24.60 8.72
N SER A 243 4.24 25.77 9.35
CA SER A 243 3.38 26.05 10.48
C SER A 243 1.97 26.44 10.02
N VAL A 244 1.06 26.51 10.99
CA VAL A 244 -0.34 26.80 10.70
C VAL A 244 -0.46 28.19 10.07
N PRO A 245 -1.23 28.37 9.01
CA PRO A 245 -1.31 29.69 8.37
C PRO A 245 -1.98 30.73 9.27
N ALA A 246 -1.75 31.99 8.93
CA ALA A 246 -2.33 33.09 9.67
C ALA A 246 -3.84 33.13 9.48
N ARG A 247 -4.54 33.66 10.49
CA ARG A 247 -5.99 33.76 10.47
C ARG A 247 -6.40 35.16 10.03
N ILE A 248 -7.40 35.23 9.14
CA ILE A 248 -7.95 36.48 8.66
C ILE A 248 -9.47 36.44 8.86
N PRO A 249 -10.05 37.36 9.62
CA PRO A 249 -11.49 37.30 9.91
C PRO A 249 -12.31 37.78 8.71
N GLU A 250 -13.62 37.64 8.85
CA GLU A 250 -14.59 38.15 7.89
C GLU A 250 -15.53 39.14 8.60
N ASN A 251 -16.54 39.59 7.88
CA ASN A 251 -17.56 40.46 8.45
C ASN A 251 -18.95 40.06 7.96
N PRO A 255 -22.39 39.53 6.43
CA PRO A 255 -22.87 38.70 5.33
C PRO A 255 -23.38 39.53 4.14
N GLU A 256 -24.69 39.78 4.10
CA GLU A 256 -25.43 40.46 3.02
C GLU A 256 -25.55 39.60 1.77
N ASP A 257 -25.17 38.32 1.84
CA ASP A 257 -25.28 37.34 0.76
C ASP A 257 -24.69 37.82 -0.58
N PRO A 258 -23.44 38.29 -0.62
CA PRO A 258 -22.86 38.61 -1.92
C PRO A 258 -22.23 37.39 -2.56
N SER A 259 -21.63 36.52 -1.73
CA SER A 259 -21.03 35.28 -2.16
C SER A 259 -21.73 34.04 -1.62
N ALA A 260 -22.64 34.20 -0.66
CA ALA A 260 -23.33 33.06 -0.07
C ALA A 260 -24.28 32.38 -1.06
N VAL A 261 -24.69 33.09 -2.11
CA VAL A 261 -25.66 32.59 -3.08
C VAL A 261 -25.23 31.25 -3.64
N ALA A 262 -25.93 30.19 -3.24
CA ALA A 262 -25.64 28.83 -3.70
C ALA A 262 -26.61 28.50 -4.81
N LEU A 263 -26.13 28.56 -6.06
CA LEU A 263 -26.94 28.27 -7.23
C LEU A 263 -26.18 27.33 -8.15
N LYS A 264 -26.93 26.59 -8.96
CA LYS A 264 -26.33 25.70 -9.95
C LYS A 264 -25.51 26.52 -10.95
N GLU A 265 -24.19 26.37 -10.91
CA GLU A 265 -23.29 27.17 -11.73
C GLU A 265 -22.10 26.31 -12.11
N PRO A 266 -21.37 26.68 -13.16
CA PRO A 266 -20.14 25.96 -13.49
C PRO A 266 -19.14 26.05 -12.36
N TRP A 267 -18.22 25.07 -12.33
CA TRP A 267 -17.20 25.04 -11.29
C TRP A 267 -16.29 26.25 -11.36
N GLN A 268 -16.01 26.76 -12.56
CA GLN A 268 -15.22 27.98 -12.68
C GLN A 268 -15.96 29.18 -12.11
N GLU A 269 -17.29 29.21 -12.23
CA GLU A 269 -18.08 30.29 -11.66
C GLU A 269 -18.40 30.07 -10.18
N LYS A 270 -18.39 28.81 -9.72
CA LYS A 270 -18.59 28.53 -8.31
C LYS A 270 -17.38 28.93 -7.48
N VAL A 271 -16.18 28.83 -8.05
CA VAL A 271 -14.97 29.22 -7.34
C VAL A 271 -14.86 30.73 -7.28
N ARG A 272 -15.26 31.41 -8.35
CA ARG A 272 -15.13 32.87 -8.42
C ARG A 272 -15.93 33.54 -7.30
N ARG A 273 -17.19 33.14 -7.13
CA ARG A 273 -18.00 33.70 -6.05
C ARG A 273 -17.42 33.37 -4.69
N ILE A 274 -16.81 32.19 -4.55
CA ILE A 274 -16.25 31.80 -3.26
C ILE A 274 -14.93 32.52 -2.99
N ARG A 275 -14.06 32.61 -4.00
CA ARG A 275 -12.78 33.28 -3.80
C ARG A 275 -12.96 34.78 -3.58
N GLU A 276 -13.99 35.38 -4.18
CA GLU A 276 -14.19 36.82 -4.04
C GLU A 276 -14.61 37.19 -2.63
N GLY A 277 -15.56 36.44 -2.06
CA GLY A 277 -16.07 36.71 -0.73
C GLY A 277 -15.27 36.14 0.41
N SER A 278 -14.13 35.50 0.12
CA SER A 278 -13.30 34.86 1.12
C SER A 278 -12.15 35.77 1.53
N PRO A 279 -11.77 35.76 2.81
CA PRO A 279 -10.62 36.56 3.26
C PRO A 279 -9.28 35.99 2.85
N TYR A 280 -9.22 34.74 2.39
CA TYR A 280 -7.98 34.12 1.95
C TYR A 280 -7.88 34.00 0.43
N GLY A 281 -8.90 34.42 -0.31
CA GLY A 281 -8.90 34.27 -1.75
C GLY A 281 -7.87 35.08 -2.50
N HIS A 282 -7.20 36.01 -1.81
CA HIS A 282 -6.16 36.83 -2.44
C HIS A 282 -4.78 36.19 -2.42
N LEU A 283 -4.64 35.04 -1.76
CA LEU A 283 -3.37 34.37 -1.59
C LEU A 283 -3.05 33.49 -2.80
N PRO A 284 -1.76 33.24 -3.06
CA PRO A 284 -1.41 32.43 -4.24
C PRO A 284 -1.77 30.97 -4.10
N ASN A 285 -1.60 30.40 -2.91
CA ASN A 285 -1.83 28.98 -2.67
C ASN A 285 -3.29 28.68 -2.32
N TRP A 286 -4.20 29.63 -2.51
CA TRP A 286 -5.61 29.39 -2.23
C TRP A 286 -6.18 28.38 -3.23
N ARG A 287 -6.70 27.27 -2.72
CA ARG A 287 -7.28 26.22 -3.54
C ARG A 287 -8.60 25.79 -2.93
N LEU A 288 -9.56 25.44 -3.78
CA LEU A 288 -10.90 25.04 -3.35
C LEU A 288 -11.08 23.55 -3.63
N LEU A 289 -11.36 22.78 -2.58
CA LEU A 289 -11.53 21.34 -2.67
C LEU A 289 -13.01 20.98 -2.53
N SER A 290 -13.32 19.73 -2.88
CA SER A 290 -14.69 19.23 -2.86
C SER A 290 -14.67 17.79 -2.38
N VAL A 291 -15.37 17.52 -1.28
CA VAL A 291 -15.38 16.20 -0.66
C VAL A 291 -16.82 15.81 -0.36
N ILE A 292 -17.16 14.55 -0.65
CA ILE A 292 -18.46 13.98 -0.31
C ILE A 292 -18.30 13.18 0.98
N VAL A 293 -19.03 13.58 2.01
CA VAL A 293 -18.85 12.89 3.31
C VAL A 293 -19.97 11.87 3.45
N LYS A 294 -19.62 10.59 3.40
CA LYS A 294 -20.66 9.57 3.66
C LYS A 294 -20.38 9.12 5.09
N CYS A 295 -21.32 9.32 5.98
CA CYS A 295 -21.07 9.04 7.41
C CYS A 295 -21.64 7.67 7.72
N GLY A 296 -22.41 7.12 6.79
CA GLY A 296 -23.03 5.87 7.18
C GLY A 296 -22.88 4.72 6.20
N ASP A 297 -22.05 4.89 5.17
CA ASP A 297 -21.82 3.86 4.17
C ASP A 297 -20.36 3.43 4.19
N ASP A 298 -20.13 2.14 3.95
CA ASP A 298 -18.79 1.58 3.97
C ASP A 298 -18.11 1.81 2.62
N LEU A 299 -16.92 2.41 2.66
CA LEU A 299 -16.20 2.78 1.46
C LEU A 299 -14.93 1.96 1.25
N ARG A 300 -14.80 0.83 1.95
CA ARG A 300 -13.61 0.01 1.77
C ARG A 300 -13.61 -0.68 0.41
N GLN A 301 -14.77 -1.18 -0.02
CA GLN A 301 -14.88 -1.75 -1.36
C GLN A 301 -14.76 -0.68 -2.45
N GLU A 302 -15.04 0.58 -2.10
CA GLU A 302 -14.77 1.68 -3.03
C GLU A 302 -13.29 2.01 -3.10
N LEU A 303 -12.54 1.73 -2.03
CA LEU A 303 -11.10 1.94 -2.07
C LEU A 303 -10.41 0.88 -2.90
N LEU A 304 -10.88 -0.37 -2.82
CA LEU A 304 -10.34 -1.43 -3.66
C LEU A 304 -10.54 -1.12 -5.13
N ALA A 305 -11.71 -0.57 -5.48
CA ALA A 305 -11.97 -0.20 -6.87
C ALA A 305 -11.10 0.98 -7.30
N PHE A 306 -10.77 1.89 -6.39
CA PHE A 306 -9.88 3.00 -6.74
C PHE A 306 -8.50 2.50 -7.13
N GLN A 307 -8.00 1.48 -6.43
CA GLN A 307 -6.68 0.93 -6.74
C GLN A 307 -6.71 0.21 -8.09
N VAL A 308 -7.68 -0.67 -8.29
CA VAL A 308 -7.81 -1.38 -9.57
C VAL A 308 -7.97 -0.39 -10.70
N LEU A 309 -8.67 0.72 -10.45
CA LEU A 309 -8.78 1.77 -11.46
C LEU A 309 -7.43 2.44 -11.73
N LYS A 310 -6.69 2.75 -10.67
CA LYS A 310 -5.42 3.45 -10.85
C LYS A 310 -4.33 2.54 -11.40
N GLN A 311 -4.43 1.22 -11.18
CA GLN A 311 -3.46 0.31 -11.77
C GLN A 311 -3.72 0.11 -13.26
N LEU A 312 -4.98 -0.09 -13.64
CA LEU A 312 -5.33 -0.19 -15.06
C LEU A 312 -4.99 1.10 -15.78
N GLN A 313 -5.22 2.25 -15.12
CA GLN A 313 -4.78 3.53 -15.68
C GLN A 313 -3.27 3.54 -15.88
N SER A 314 -2.53 2.91 -14.97
CA SER A 314 -1.08 2.82 -15.11
C SER A 314 -0.68 1.79 -16.17
N ILE A 315 -1.46 0.72 -16.32
CA ILE A 315 -1.12 -0.32 -17.28
C ILE A 315 -1.33 0.17 -18.71
N TRP A 316 -2.45 0.86 -18.95
CA TRP A 316 -2.75 1.32 -20.30
C TRP A 316 -1.78 2.42 -20.74
N GLU A 317 -1.41 3.32 -19.82
CA GLU A 317 -0.41 4.32 -20.14
C GLU A 317 0.93 3.68 -20.49
N GLN A 318 1.29 2.61 -19.77
CA GLN A 318 2.52 1.90 -20.06
C GLN A 318 2.47 1.24 -21.43
N GLU A 319 1.32 0.67 -21.78
CA GLU A 319 1.13 0.02 -23.07
C GLU A 319 0.66 0.97 -24.15
N ARG A 320 0.62 2.28 -23.86
CA ARG A 320 0.33 3.32 -24.85
C ARG A 320 -1.01 3.12 -25.52
N VAL A 321 -2.00 2.69 -24.75
CA VAL A 321 -3.38 2.55 -25.21
C VAL A 321 -4.17 3.77 -24.75
N PRO A 322 -4.86 4.48 -25.65
CA PRO A 322 -5.49 5.75 -25.26
C PRO A 322 -6.86 5.59 -24.62
N LEU A 323 -7.02 4.59 -23.75
CA LEU A 323 -8.24 4.50 -22.96
C LEU A 323 -8.25 5.62 -21.91
N TRP A 324 -9.39 5.75 -21.23
CA TRP A 324 -9.55 6.84 -20.26
C TRP A 324 -10.49 6.37 -19.15
N ILE A 325 -10.03 6.49 -17.90
CA ILE A 325 -10.85 6.25 -16.73
C ILE A 325 -10.51 7.30 -15.67
N LYS A 326 -11.42 7.45 -14.72
CA LYS A 326 -11.26 8.47 -13.67
C LYS A 326 -11.26 7.82 -12.30
N PRO A 327 -10.10 7.70 -11.64
CA PRO A 327 -10.09 7.21 -10.27
C PRO A 327 -10.20 8.34 -9.25
N TYR A 328 -11.23 8.29 -8.41
CA TYR A 328 -11.42 9.30 -7.37
C TYR A 328 -11.01 8.73 -6.03
N LYS A 329 -10.23 9.50 -5.27
CA LYS A 329 -9.66 9.00 -4.04
C LYS A 329 -10.74 8.74 -3.00
N ILE A 330 -10.50 7.74 -2.15
CA ILE A 330 -11.40 7.33 -1.10
C ILE A 330 -10.67 7.44 0.23
N LEU A 331 -11.27 8.14 1.19
CA LEU A 331 -10.71 8.27 2.54
C LEU A 331 -11.52 7.37 3.48
N VAL A 332 -11.02 6.16 3.71
CA VAL A 332 -11.70 5.22 4.59
C VAL A 332 -11.52 5.70 6.03
N ILE A 333 -12.60 6.23 6.62
CA ILE A 333 -12.53 6.72 7.99
C ILE A 333 -12.70 5.57 8.98
N SER A 334 -13.61 4.64 8.69
CA SER A 334 -13.87 3.51 9.57
C SER A 334 -14.48 2.40 8.74
N ALA A 335 -14.96 1.35 9.41
CA ALA A 335 -15.59 0.22 8.75
C ALA A 335 -16.98 0.54 8.22
N ASP A 336 -17.51 1.74 8.49
CA ASP A 336 -18.81 2.11 7.95
C ASP A 336 -18.92 3.61 7.67
N SER A 337 -17.80 4.31 7.49
CA SER A 337 -17.83 5.73 7.19
C SER A 337 -16.61 6.06 6.34
N GLY A 338 -16.65 7.24 5.72
CA GLY A 338 -15.55 7.67 4.89
C GLY A 338 -15.92 8.90 4.09
N MET A 339 -15.04 9.23 3.15
CA MET A 339 -15.23 10.38 2.26
C MET A 339 -14.99 9.95 0.83
N ILE A 340 -15.52 10.74 -0.10
CA ILE A 340 -15.34 10.54 -1.53
C ILE A 340 -14.78 11.78 -2.18
N GLU A 341 -13.72 11.63 -2.96
CA GLU A 341 -13.24 12.74 -3.77
C GLU A 341 -14.29 13.17 -4.78
N TYR A 342 -14.78 14.40 -4.62
CA TYR A 342 -15.83 14.92 -5.49
C TYR A 342 -15.17 15.42 -6.76
N VAL A 343 -15.49 14.79 -7.89
CA VAL A 343 -15.00 15.28 -9.18
C VAL A 343 -15.85 16.47 -9.61
N VAL A 344 -15.19 17.58 -9.90
CA VAL A 344 -15.91 18.79 -10.30
C VAL A 344 -16.25 18.71 -11.79
N ASN A 345 -17.22 19.52 -12.19
CA ASN A 345 -17.70 19.56 -13.57
C ASN A 345 -18.06 18.15 -14.05
N ALA A 346 -18.95 17.52 -13.29
CA ALA A 346 -19.44 16.19 -13.62
C ALA A 346 -20.80 16.00 -12.96
N VAL A 347 -21.76 15.48 -13.72
CA VAL A 347 -23.14 15.34 -13.27
C VAL A 347 -23.69 14.02 -13.77
N SER A 348 -24.52 13.37 -12.94
CA SER A 348 -25.13 12.10 -13.30
C SER A 348 -25.85 12.20 -14.64
N ILE A 349 -25.70 11.15 -15.46
CA ILE A 349 -26.41 11.09 -16.73
C ILE A 349 -27.92 11.09 -16.49
N HIS A 350 -28.37 10.47 -15.39
CA HIS A 350 -29.78 10.56 -15.04
C HIS A 350 -30.22 12.00 -14.81
N GLN A 351 -29.32 12.83 -14.29
CA GLN A 351 -29.64 14.25 -14.10
C GLN A 351 -29.50 15.03 -15.40
N VAL A 352 -28.54 14.67 -16.24
CA VAL A 352 -28.41 15.34 -17.54
C VAL A 352 -29.64 15.07 -18.40
N LYS A 353 -30.15 13.82 -18.35
CA LYS A 353 -31.33 13.49 -19.13
C LYS A 353 -32.58 14.16 -18.57
N LYS A 354 -32.65 14.36 -17.26
CA LYS A 354 -33.81 15.01 -16.67
C LYS A 354 -33.77 16.52 -16.87
N GLN A 355 -32.64 17.15 -16.55
CA GLN A 355 -32.55 18.60 -16.64
C GLN A 355 -32.69 19.09 -18.07
N SER A 356 -31.97 18.47 -19.01
CA SER A 356 -31.99 18.92 -20.39
C SER A 356 -33.22 18.47 -21.15
N GLN A 357 -33.92 17.42 -20.66
CA GLN A 357 -35.07 16.84 -21.35
C GLN A 357 -34.71 16.40 -22.77
N LEU A 358 -33.44 16.06 -22.98
CA LEU A 358 -32.91 15.65 -24.27
C LEU A 358 -32.46 14.20 -24.20
N SER A 359 -32.03 13.69 -25.35
CA SER A 359 -31.29 12.44 -25.37
C SER A 359 -29.80 12.74 -25.24
N LEU A 360 -29.01 11.70 -25.01
CA LEU A 360 -27.58 11.89 -24.82
C LEU A 360 -26.95 12.54 -26.05
N LEU A 361 -27.24 11.99 -27.24
CA LEU A 361 -26.70 12.57 -28.47
C LEU A 361 -27.16 14.02 -28.66
N ASP A 362 -28.42 14.31 -28.33
CA ASP A 362 -28.92 15.67 -28.48
C ASP A 362 -28.22 16.64 -27.53
N TYR A 363 -27.84 16.16 -26.34
CA TYR A 363 -27.20 17.05 -25.38
C TYR A 363 -25.80 17.44 -25.82
N PHE A 364 -25.02 16.47 -26.32
CA PHE A 364 -23.67 16.79 -26.77
C PHE A 364 -23.70 17.80 -27.92
N LEU A 365 -24.62 17.61 -28.87
CA LEU A 365 -24.75 18.56 -29.97
C LEU A 365 -25.06 19.96 -29.46
N GLN A 366 -25.96 20.07 -28.47
CA GLN A 366 -26.30 21.38 -27.93
C GLN A 366 -25.18 21.92 -27.06
N GLU A 367 -24.54 21.06 -26.27
CA GLU A 367 -23.52 21.52 -25.33
C GLU A 367 -22.18 21.76 -26.02
N HIS A 368 -21.80 20.89 -26.96
CA HIS A 368 -20.49 20.96 -27.59
C HIS A 368 -20.54 21.58 -28.98
N GLY A 369 -21.30 21.01 -29.90
CA GLY A 369 -21.46 21.61 -31.20
C GLY A 369 -21.95 20.62 -32.24
N SER A 370 -21.97 21.09 -33.49
CA SER A 370 -22.51 20.33 -34.61
C SER A 370 -21.59 19.16 -34.97
N TYR A 371 -22.07 18.33 -35.89
CA TYR A 371 -21.33 17.14 -36.31
C TYR A 371 -19.97 17.48 -36.89
N THR A 372 -19.80 18.68 -37.45
CA THR A 372 -18.57 19.04 -38.15
C THR A 372 -17.70 20.02 -37.39
N THR A 373 -18.10 20.44 -36.19
CA THR A 373 -17.24 21.30 -35.39
C THR A 373 -16.21 20.47 -34.64
N GLU A 374 -15.08 21.11 -34.32
CA GLU A 374 -14.05 20.43 -33.55
C GLU A 374 -14.53 20.09 -32.15
N ALA A 375 -15.40 20.93 -31.58
CA ALA A 375 -15.84 20.74 -30.20
C ALA A 375 -16.57 19.41 -30.03
N PHE A 376 -17.41 19.03 -31.00
CA PHE A 376 -18.13 17.78 -30.90
C PHE A 376 -17.24 16.58 -31.20
N LEU A 377 -16.39 16.70 -32.21
CA LEU A 377 -15.49 15.59 -32.55
C LEU A 377 -14.54 15.28 -31.41
N SER A 378 -14.17 16.28 -30.61
CA SER A 378 -13.31 16.03 -29.46
C SER A 378 -14.09 15.36 -28.34
N ALA A 379 -15.30 15.85 -28.05
CA ALA A 379 -16.11 15.25 -27.00
C ALA A 379 -16.54 13.83 -27.35
N GLN A 380 -16.72 13.54 -28.64
CA GLN A 380 -17.04 12.18 -29.06
C GLN A 380 -15.85 11.25 -28.85
N ARG A 381 -14.64 11.73 -29.20
CA ARG A 381 -13.44 10.93 -28.97
C ARG A 381 -13.24 10.62 -27.49
N ASN A 382 -13.50 11.62 -26.63
CA ASN A 382 -13.40 11.38 -25.19
C ASN A 382 -14.51 10.47 -24.69
N PHE A 383 -15.67 10.48 -25.34
CA PHE A 383 -16.75 9.57 -24.97
C PHE A 383 -16.40 8.13 -25.34
N VAL A 384 -15.85 7.92 -26.54
CA VAL A 384 -15.52 6.57 -26.99
C VAL A 384 -14.38 6.00 -26.18
N GLN A 385 -13.30 6.78 -26.00
CA GLN A 385 -12.15 6.30 -25.25
C GLN A 385 -12.51 5.96 -23.81
N SER A 386 -13.36 6.78 -23.19
CA SER A 386 -13.75 6.53 -21.80
C SER A 386 -14.70 5.34 -21.71
N CYS A 387 -15.59 5.17 -22.70
CA CYS A 387 -16.48 4.02 -22.70
C CYS A 387 -15.70 2.71 -22.74
N ALA A 388 -14.88 2.54 -23.79
CA ALA A 388 -14.06 1.34 -23.91
C ALA A 388 -13.21 1.09 -22.68
N GLY A 389 -12.76 2.14 -22.02
CA GLY A 389 -12.03 2.00 -20.78
C GLY A 389 -12.89 1.38 -19.69
N TYR A 390 -14.04 2.00 -19.42
CA TYR A 390 -14.89 1.51 -18.34
C TYR A 390 -15.60 0.21 -18.69
N CYS A 391 -15.76 -0.09 -19.99
CA CYS A 391 -16.29 -1.40 -20.38
C CYS A 391 -15.44 -2.52 -19.81
N LEU A 392 -14.11 -2.41 -19.97
CA LEU A 392 -13.21 -3.42 -19.44
C LEU A 392 -13.20 -3.41 -17.92
N VAL A 393 -13.22 -2.22 -17.32
CA VAL A 393 -13.27 -2.13 -15.86
C VAL A 393 -14.50 -2.85 -15.32
N CYS A 394 -15.63 -2.72 -16.02
CA CYS A 394 -16.85 -3.40 -15.60
C CYS A 394 -16.73 -4.91 -15.80
N TYR A 395 -16.23 -5.34 -16.96
CA TYR A 395 -16.14 -6.77 -17.24
C TYR A 395 -15.16 -7.46 -16.30
N LEU A 396 -13.97 -6.88 -16.13
CA LEU A 396 -12.95 -7.51 -15.29
C LEU A 396 -13.39 -7.57 -13.84
N LEU A 397 -14.02 -6.52 -13.34
CA LEU A 397 -14.43 -6.44 -11.94
C LEU A 397 -15.87 -6.91 -11.72
N GLN A 398 -16.58 -7.27 -12.77
CA GLN A 398 -17.99 -7.68 -12.68
C GLN A 398 -18.80 -6.67 -11.89
N VAL A 399 -18.75 -5.42 -12.35
CA VAL A 399 -19.42 -4.31 -11.69
C VAL A 399 -20.90 -4.38 -12.07
N LYS A 400 -21.73 -4.89 -11.17
CA LYS A 400 -23.17 -4.90 -11.37
C LYS A 400 -23.75 -3.56 -10.94
N ASP A 401 -25.09 -3.46 -10.94
CA ASP A 401 -25.80 -2.25 -10.54
C ASP A 401 -25.36 -1.06 -11.39
N ARG A 402 -25.53 -1.20 -12.70
CA ARG A 402 -25.10 -0.20 -13.67
C ARG A 402 -26.32 0.47 -14.28
N HIS A 403 -26.66 1.65 -13.75
CA HIS A 403 -27.67 2.52 -14.33
C HIS A 403 -27.09 3.92 -14.47
N ASN A 404 -27.87 4.83 -15.06
CA ASN A 404 -27.36 6.17 -15.35
C ASN A 404 -27.23 7.03 -14.11
N GLY A 405 -27.69 6.56 -12.94
CA GLY A 405 -27.40 7.25 -11.69
C GLY A 405 -26.00 7.00 -11.16
N ASN A 406 -25.36 5.93 -11.63
CA ASN A 406 -24.00 5.58 -11.25
C ASN A 406 -22.99 5.87 -12.36
N ILE A 407 -23.43 6.50 -13.45
CA ILE A 407 -22.56 6.91 -14.55
C ILE A 407 -22.63 8.43 -14.64
N LEU A 408 -21.47 9.07 -14.73
CA LEU A 408 -21.39 10.52 -14.79
C LEU A 408 -21.01 10.96 -16.20
N LEU A 409 -20.85 12.27 -16.37
CA LEU A 409 -20.50 12.86 -17.66
C LEU A 409 -19.80 14.19 -17.38
N ASP A 410 -18.50 14.25 -17.61
CA ASP A 410 -17.77 15.48 -17.37
C ASP A 410 -17.90 16.43 -18.56
N ALA A 411 -17.40 17.65 -18.38
CA ALA A 411 -17.56 18.69 -19.39
C ALA A 411 -16.81 18.39 -20.68
N GLU A 412 -15.75 17.57 -20.63
CA GLU A 412 -14.98 17.26 -21.82
C GLU A 412 -15.61 16.19 -22.68
N GLY A 413 -16.58 15.44 -22.15
CA GLY A 413 -17.22 14.36 -22.89
C GLY A 413 -16.97 12.97 -22.34
N HIS A 414 -16.12 12.80 -21.33
CA HIS A 414 -15.86 11.49 -20.78
C HIS A 414 -17.04 11.02 -19.92
N ILE A 415 -17.03 9.75 -19.57
CA ILE A 415 -17.96 9.19 -18.60
C ILE A 415 -17.16 8.65 -17.43
N ILE A 416 -17.80 8.65 -16.26
CA ILE A 416 -17.15 8.21 -15.02
C ILE A 416 -18.12 7.29 -14.28
N HIS A 417 -17.68 6.07 -13.99
CA HIS A 417 -18.50 5.12 -13.25
C HIS A 417 -18.24 5.27 -11.76
N ILE A 418 -19.31 5.33 -10.98
CA ILE A 418 -19.22 5.46 -9.53
C ILE A 418 -19.95 4.30 -8.87
N ASP A 419 -19.95 4.28 -7.53
CA ASP A 419 -20.67 3.30 -6.73
C ASP A 419 -20.26 1.87 -7.10
N PHE A 420 -18.99 1.56 -6.82
CA PHE A 420 -18.46 0.20 -6.99
C PHE A 420 -18.83 -0.63 -5.76
N GLY A 421 -20.13 -0.87 -5.61
CA GLY A 421 -20.63 -1.60 -4.47
C GLY A 421 -20.95 -3.04 -4.76
N PHE A 422 -21.44 -3.31 -5.97
CA PHE A 422 -21.74 -4.67 -6.42
C PHE A 422 -20.69 -5.05 -7.46
N ILE A 423 -19.53 -5.50 -6.98
CA ILE A 423 -18.45 -5.95 -7.85
C ILE A 423 -18.07 -7.37 -7.45
N LEU A 424 -17.40 -8.06 -8.37
CA LEU A 424 -16.90 -9.42 -8.17
C LEU A 424 -18.09 -10.32 -7.84
N SER A 425 -17.89 -11.34 -7.01
CA SER A 425 -18.95 -12.26 -6.57
C SER A 425 -19.75 -12.82 -7.74
N SER A 436 -28.56 -5.76 -14.27
CA SER A 436 -27.75 -4.84 -13.48
C SER A 436 -26.38 -4.63 -14.10
N ALA A 437 -25.92 -5.62 -14.88
CA ALA A 437 -24.58 -5.58 -15.45
C ALA A 437 -24.45 -4.46 -16.46
N PHE A 438 -23.22 -4.22 -16.90
CA PHE A 438 -22.93 -3.14 -17.83
C PHE A 438 -23.56 -3.44 -19.19
N LYS A 439 -24.24 -2.43 -19.74
CA LYS A 439 -24.89 -2.56 -21.04
C LYS A 439 -24.59 -1.30 -21.83
N LEU A 440 -24.12 -1.47 -23.07
CA LEU A 440 -23.97 -0.37 -24.01
C LEU A 440 -25.34 -0.17 -24.65
N THR A 441 -26.13 0.72 -24.05
CA THR A 441 -27.52 0.89 -24.43
C THR A 441 -27.63 1.52 -25.82
N THR A 442 -28.86 1.51 -26.35
CA THR A 442 -29.13 2.13 -27.65
C THR A 442 -28.74 3.60 -27.65
N GLU A 443 -28.89 4.28 -26.52
CA GLU A 443 -28.54 5.70 -26.46
C GLU A 443 -27.05 5.93 -26.57
N PHE A 444 -26.25 5.02 -25.99
CA PHE A 444 -24.80 5.19 -26.02
C PHE A 444 -24.23 4.95 -27.43
N VAL A 445 -24.76 3.95 -28.13
CA VAL A 445 -24.26 3.64 -29.48
C VAL A 445 -24.50 4.80 -30.43
N ASP A 446 -25.51 5.63 -30.15
CA ASP A 446 -25.81 6.75 -31.03
C ASP A 446 -24.72 7.82 -30.98
N VAL A 447 -24.18 8.08 -29.80
CA VAL A 447 -23.18 9.14 -29.65
C VAL A 447 -21.92 8.81 -30.44
N MET A 448 -21.66 7.53 -30.68
CA MET A 448 -20.50 7.09 -31.43
C MET A 448 -20.74 7.03 -32.93
N GLY A 449 -21.90 7.47 -33.40
CA GLY A 449 -22.19 7.46 -34.82
C GLY A 449 -22.83 6.19 -35.33
N GLY A 450 -23.37 5.34 -34.46
CA GLY A 450 -24.06 4.15 -34.89
C GLY A 450 -23.16 2.94 -34.97
N LEU A 451 -23.77 1.80 -35.30
CA LEU A 451 -23.05 0.54 -35.35
C LEU A 451 -21.98 0.55 -36.44
N ASP A 452 -22.40 0.68 -37.69
CA ASP A 452 -21.48 0.59 -38.82
C ASP A 452 -20.50 1.76 -38.88
N GLY A 453 -20.60 2.74 -37.99
CA GLY A 453 -19.72 3.89 -38.04
C GLY A 453 -18.29 3.57 -37.68
N ASP A 454 -17.42 4.57 -37.88
CA ASP A 454 -16.00 4.39 -37.63
C ASP A 454 -15.70 4.33 -36.14
N MET A 455 -16.26 5.26 -35.37
CA MET A 455 -15.95 5.34 -33.94
C MET A 455 -16.43 4.12 -33.16
N PHE A 456 -17.44 3.41 -33.66
CA PHE A 456 -17.85 2.18 -32.99
C PHE A 456 -16.86 1.05 -33.24
N ASN A 457 -16.32 0.96 -34.47
CA ASN A 457 -15.23 0.03 -34.71
C ASN A 457 -13.98 0.43 -33.95
N TYR A 458 -13.76 1.73 -33.75
CA TYR A 458 -12.65 2.19 -32.91
C TYR A 458 -12.92 1.91 -31.45
N TYR A 459 -14.18 2.02 -31.02
CA TYR A 459 -14.56 1.56 -29.69
C TYR A 459 -14.34 0.08 -29.54
N LYS A 460 -14.54 -0.70 -30.61
CA LYS A 460 -14.30 -2.13 -30.55
C LYS A 460 -12.81 -2.44 -30.43
N MET A 461 -11.98 -1.76 -31.23
CA MET A 461 -10.55 -2.03 -31.20
C MET A 461 -9.90 -1.48 -29.94
N LEU A 462 -10.41 -0.39 -29.39
CA LEU A 462 -9.89 0.11 -28.12
C LEU A 462 -10.06 -0.91 -27.01
N MET A 463 -11.20 -1.61 -27.00
CA MET A 463 -11.41 -2.64 -25.99
C MET A 463 -10.45 -3.80 -26.18
N LEU A 464 -10.14 -4.16 -27.43
CA LEU A 464 -9.23 -5.26 -27.69
C LEU A 464 -7.80 -4.90 -27.28
N GLN A 465 -7.35 -3.71 -27.67
CA GLN A 465 -6.00 -3.27 -27.30
C GLN A 465 -5.85 -3.19 -25.79
N GLY A 466 -6.85 -2.65 -25.10
CA GLY A 466 -6.82 -2.56 -23.65
C GLY A 466 -6.89 -3.90 -22.94
N LEU A 467 -7.48 -4.92 -23.58
CA LEU A 467 -7.51 -6.25 -22.99
C LEU A 467 -6.20 -7.00 -23.23
N ILE A 468 -5.60 -6.82 -24.41
CA ILE A 468 -4.25 -7.30 -24.64
C ILE A 468 -3.28 -6.68 -23.64
N ALA A 469 -3.44 -5.38 -23.39
CA ALA A 469 -2.57 -4.69 -22.44
C ALA A 469 -2.78 -5.19 -21.02
N ALA A 470 -4.03 -5.42 -20.63
CA ALA A 470 -4.31 -5.90 -19.28
C ALA A 470 -3.78 -7.31 -19.05
N ARG A 471 -3.70 -8.11 -20.12
CA ARG A 471 -3.13 -9.45 -19.98
C ARG A 471 -1.63 -9.40 -19.74
N LYS A 472 -0.93 -8.46 -20.39
CA LYS A 472 0.51 -8.31 -20.18
C LYS A 472 0.86 -7.87 -18.77
N HIS A 473 -0.12 -7.44 -17.98
CA HIS A 473 0.12 -7.00 -16.61
C HIS A 473 -0.99 -7.50 -15.68
N MET A 474 -1.38 -8.76 -15.85
CA MET A 474 -2.48 -9.32 -15.06
C MET A 474 -2.12 -9.39 -13.58
N ASP A 475 -0.88 -9.73 -13.26
CA ASP A 475 -0.49 -9.98 -11.87
C ASP A 475 -0.59 -8.70 -11.03
N LYS A 476 -0.25 -7.55 -11.62
CA LYS A 476 -0.27 -6.30 -10.87
C LYS A 476 -1.68 -5.93 -10.44
N VAL A 477 -2.69 -6.39 -11.16
CA VAL A 477 -4.08 -6.07 -10.84
C VAL A 477 -4.68 -7.10 -9.88
N VAL A 478 -4.44 -8.39 -10.14
CA VAL A 478 -5.04 -9.44 -9.32
C VAL A 478 -4.58 -9.34 -7.87
N GLN A 479 -3.30 -9.04 -7.66
CA GLN A 479 -2.76 -9.00 -6.29
C GLN A 479 -3.45 -7.91 -5.46
N ILE A 480 -3.90 -6.83 -6.10
CA ILE A 480 -4.64 -5.80 -5.37
C ILE A 480 -5.91 -6.38 -4.77
N VAL A 481 -6.62 -7.20 -5.55
CA VAL A 481 -7.85 -7.83 -5.06
C VAL A 481 -7.53 -9.03 -4.19
N GLU A 482 -6.50 -9.80 -4.56
CA GLU A 482 -6.22 -11.05 -3.87
C GLU A 482 -5.79 -10.83 -2.43
N ILE A 483 -5.00 -9.79 -2.17
CA ILE A 483 -4.53 -9.53 -0.82
C ILE A 483 -5.68 -9.09 0.08
N MET A 484 -6.60 -8.28 -0.45
CA MET A 484 -7.70 -7.76 0.36
C MET A 484 -8.70 -8.84 0.75
N GLN A 485 -8.74 -9.96 0.02
CA GLN A 485 -9.60 -11.06 0.42
C GLN A 485 -9.18 -11.66 1.76
N GLN A 486 -7.93 -11.48 2.14
CA GLN A 486 -7.42 -12.03 3.39
C GLN A 486 -8.16 -11.43 4.58
N GLY A 487 -8.87 -12.30 5.32
CA GLY A 487 -9.51 -11.90 6.55
C GLY A 487 -10.57 -10.81 6.41
N SER A 488 -11.22 -10.73 5.26
CA SER A 488 -12.24 -9.71 5.01
C SER A 488 -13.63 -10.32 5.04
N GLN A 489 -14.61 -9.48 5.37
CA GLN A 489 -16.02 -9.87 5.37
C GLN A 489 -16.83 -9.03 4.39
N LEU A 490 -16.18 -8.56 3.33
CA LEU A 490 -16.83 -7.77 2.29
C LEU A 490 -17.66 -8.66 1.38
N PRO A 491 -18.74 -8.11 0.80
CA PRO A 491 -19.60 -8.90 -0.11
C PRO A 491 -18.92 -9.32 -1.40
N CYS A 492 -17.80 -8.70 -1.77
CA CYS A 492 -17.13 -9.08 -3.02
C CYS A 492 -16.48 -10.45 -2.89
N PHE A 493 -15.96 -10.79 -1.72
CA PHE A 493 -15.26 -12.05 -1.51
C PHE A 493 -16.25 -13.05 -0.92
N HIS A 494 -16.68 -14.02 -1.74
CA HIS A 494 -17.60 -15.05 -1.30
C HIS A 494 -17.46 -16.26 -2.22
N GLY A 495 -17.36 -17.44 -1.60
CA GLY A 495 -17.33 -18.69 -2.33
C GLY A 495 -15.94 -19.18 -2.71
N SER A 496 -14.90 -18.42 -2.37
CA SER A 496 -13.51 -18.80 -2.61
C SER A 496 -13.17 -18.82 -4.09
N SER A 497 -14.16 -18.57 -4.95
CA SER A 497 -13.94 -18.49 -6.39
C SER A 497 -13.76 -17.05 -6.86
N THR A 498 -13.68 -16.10 -5.93
CA THR A 498 -13.58 -14.69 -6.30
C THR A 498 -12.31 -14.41 -7.09
N ILE A 499 -11.18 -14.94 -6.64
CA ILE A 499 -9.91 -14.74 -7.35
C ILE A 499 -9.74 -15.72 -8.50
N ARG A 500 -10.30 -16.92 -8.40
CA ARG A 500 -10.20 -17.88 -9.49
C ARG A 500 -10.95 -17.39 -10.72
N ASN A 501 -12.14 -16.84 -10.52
CA ASN A 501 -12.91 -16.30 -11.64
C ASN A 501 -12.37 -14.95 -12.11
N LEU A 502 -11.73 -14.19 -11.22
CA LEU A 502 -11.12 -12.92 -11.62
C LEU A 502 -9.96 -13.16 -12.59
N LYS A 503 -9.11 -14.15 -12.29
CA LYS A 503 -8.01 -14.46 -13.19
C LYS A 503 -8.51 -15.09 -14.48
N GLU A 504 -9.59 -15.89 -14.39
CA GLU A 504 -10.10 -16.57 -15.57
C GLU A 504 -10.65 -15.58 -16.59
N ARG A 505 -11.13 -14.42 -16.14
CA ARG A 505 -11.69 -13.43 -17.05
C ARG A 505 -10.63 -12.73 -17.89
N PHE A 506 -9.36 -12.79 -17.50
CA PHE A 506 -8.30 -12.24 -18.34
C PHE A 506 -8.06 -13.10 -19.57
N HIS A 507 -8.48 -14.36 -19.54
CA HIS A 507 -8.35 -15.30 -20.66
C HIS A 507 -6.92 -15.30 -21.21
N MET A 508 -5.98 -15.61 -20.31
CA MET A 508 -4.56 -15.59 -20.68
C MET A 508 -4.24 -16.63 -21.74
N SER A 509 -4.97 -17.74 -21.77
CA SER A 509 -4.64 -18.82 -22.70
C SER A 509 -5.06 -18.49 -24.12
N MET A 510 -6.11 -17.69 -24.29
CA MET A 510 -6.65 -17.39 -25.60
C MET A 510 -5.62 -16.67 -26.47
N THR A 511 -5.64 -16.98 -27.76
CA THR A 511 -4.84 -16.23 -28.71
C THR A 511 -5.50 -14.89 -29.00
N GLU A 512 -4.73 -14.00 -29.63
CA GLU A 512 -5.27 -12.68 -29.98
C GLU A 512 -6.42 -12.80 -30.97
N GLU A 513 -6.41 -13.83 -31.81
CA GLU A 513 -7.56 -14.07 -32.70
C GLU A 513 -8.80 -14.43 -31.89
N GLN A 514 -8.64 -15.25 -30.86
CA GLN A 514 -9.76 -15.62 -30.00
C GLN A 514 -10.18 -14.50 -29.07
N LEU A 515 -9.29 -13.55 -28.78
CA LEU A 515 -9.70 -12.37 -28.02
C LEU A 515 -10.57 -11.45 -28.87
N GLN A 516 -10.30 -11.37 -30.17
CA GLN A 516 -11.13 -10.56 -31.05
C GLN A 516 -12.57 -11.04 -31.02
N LEU A 517 -12.79 -12.34 -31.25
CA LEU A 517 -14.14 -12.89 -31.19
C LEU A 517 -14.74 -12.76 -29.80
N LEU A 518 -13.90 -12.81 -28.76
CA LEU A 518 -14.40 -12.60 -27.40
C LEU A 518 -14.93 -11.18 -27.22
N VAL A 519 -14.24 -10.20 -27.80
CA VAL A 519 -14.69 -8.81 -27.71
C VAL A 519 -15.98 -8.63 -28.51
N GLU A 520 -16.08 -9.31 -29.64
CA GLU A 520 -17.33 -9.21 -30.44
C GLU A 520 -18.48 -9.66 -29.56
N GLN A 521 -18.34 -10.83 -28.93
CA GLN A 521 -19.46 -11.39 -28.14
C GLN A 521 -19.82 -10.46 -26.99
N MET A 522 -18.81 -9.88 -26.32
CA MET A 522 -19.12 -9.05 -25.14
C MET A 522 -19.97 -7.85 -25.57
N VAL A 523 -19.63 -7.23 -26.71
CA VAL A 523 -20.37 -6.03 -27.16
C VAL A 523 -21.82 -6.44 -27.45
N ASP A 524 -22.02 -7.60 -28.07
CA ASP A 524 -23.38 -8.05 -28.42
C ASP A 524 -24.20 -8.25 -27.16
N GLY A 525 -23.59 -8.83 -26.13
CA GLY A 525 -24.30 -9.02 -24.85
C GLY A 525 -24.67 -7.69 -24.25
N SER A 526 -23.77 -6.71 -24.35
CA SER A 526 -24.02 -5.37 -23.76
C SER A 526 -25.15 -4.67 -24.54
N MET A 527 -26.06 -5.42 -25.16
CA MET A 527 -27.07 -4.76 -25.97
C MET A 527 -28.45 -5.39 -25.75
N TYR B 8 48.15 -31.18 7.28
CA TYR B 8 47.85 -29.98 8.05
C TYR B 8 48.58 -30.01 9.38
N ASP B 9 49.14 -28.85 9.77
CA ASP B 9 49.88 -28.77 11.02
C ASP B 9 48.96 -28.98 12.22
N TYR B 10 47.76 -28.42 12.19
CA TYR B 10 46.80 -28.59 13.26
C TYR B 10 45.43 -28.92 12.69
N LEU B 11 44.59 -29.53 13.52
CA LEU B 11 43.23 -29.91 13.16
C LEU B 11 42.29 -29.34 14.22
N PHE B 12 41.85 -28.10 14.00
CA PHE B 12 40.92 -27.45 14.91
C PHE B 12 39.50 -27.99 14.70
N LYS B 13 38.70 -27.92 15.76
CA LYS B 13 37.31 -28.37 15.73
C LYS B 13 36.44 -27.25 16.32
N VAL B 14 35.73 -26.54 15.46
CA VAL B 14 34.92 -25.39 15.85
C VAL B 14 33.45 -25.77 15.71
N VAL B 15 32.61 -25.19 16.57
CA VAL B 15 31.18 -25.42 16.53
C VAL B 15 30.47 -24.08 16.36
N LEU B 16 29.22 -24.16 15.92
CA LEU B 16 28.36 -23.00 15.72
C LEU B 16 27.08 -23.17 16.52
N ILE B 17 26.78 -22.19 17.38
CA ILE B 17 25.59 -22.22 18.20
C ILE B 17 24.80 -20.94 17.99
N GLY B 18 23.49 -21.04 18.17
CA GLY B 18 22.61 -19.90 18.00
C GLY B 18 21.19 -20.35 17.79
N ASP B 19 20.26 -19.43 18.03
CA ASP B 19 18.85 -19.71 17.84
C ASP B 19 18.57 -20.00 16.36
N SER B 20 17.50 -20.75 16.12
CA SER B 20 17.18 -21.18 14.77
C SER B 20 16.79 -19.99 13.90
N GLY B 21 17.44 -19.87 12.74
CA GLY B 21 17.12 -18.83 11.79
C GLY B 21 17.95 -17.57 11.89
N VAL B 22 19.16 -17.63 12.44
CA VAL B 22 19.99 -16.44 12.62
C VAL B 22 21.13 -16.38 11.61
N GLY B 23 21.25 -17.37 10.73
CA GLY B 23 22.33 -17.38 9.76
C GLY B 23 23.48 -18.30 10.08
N LYS B 24 23.29 -19.30 10.94
CA LYS B 24 24.34 -20.28 11.20
C LYS B 24 24.74 -21.00 9.92
N SER B 25 23.75 -21.56 9.21
CA SER B 25 24.05 -22.34 8.02
C SER B 25 24.61 -21.49 6.89
N ASN B 26 24.20 -20.23 6.80
CA ASN B 26 24.68 -19.38 5.71
C ASN B 26 26.03 -18.77 6.00
N LEU B 27 26.34 -18.48 7.27
CA LEU B 27 27.69 -18.10 7.63
C LEU B 27 28.65 -19.27 7.42
N LEU B 28 28.27 -20.46 7.88
CA LEU B 28 29.05 -21.66 7.62
C LEU B 28 29.15 -21.92 6.12
N SER B 29 28.08 -21.64 5.37
CA SER B 29 28.14 -21.75 3.92
C SER B 29 29.11 -20.74 3.34
N ARG B 30 28.80 -19.44 3.49
CA ARG B 30 29.54 -18.37 2.82
C ARG B 30 31.04 -18.42 3.07
N PHE B 31 31.48 -19.03 4.18
CA PHE B 31 32.90 -19.12 4.47
C PHE B 31 33.57 -20.20 3.61
N THR B 32 33.07 -21.42 3.75
CA THR B 32 33.65 -22.54 3.01
C THR B 32 33.52 -22.28 1.53
N ARG B 33 32.29 -22.06 1.06
CA ARG B 33 32.05 -21.82 -0.38
C ARG B 33 31.25 -20.52 -0.53
N ASN B 34 31.44 -19.75 -1.59
CA ASN B 34 30.68 -18.47 -1.60
C ASN B 34 29.27 -18.76 -2.13
N GLU B 35 28.46 -19.44 -1.32
CA GLU B 35 27.05 -19.69 -1.71
C GLU B 35 26.12 -19.14 -0.62
N PHE B 36 25.13 -18.33 -0.97
CA PHE B 36 24.12 -17.85 0.01
C PHE B 36 22.75 -18.21 -0.52
N ASN B 37 21.90 -18.81 0.31
CA ASN B 37 20.52 -19.12 -0.15
C ASN B 37 19.49 -18.44 0.75
N LEU B 38 18.51 -17.73 0.17
CA LEU B 38 17.42 -17.16 0.98
C LEU B 38 16.50 -18.32 1.35
N GLU B 39 16.01 -19.05 0.34
CA GLU B 39 15.25 -20.25 0.67
C GLU B 39 16.16 -21.20 1.46
N SER B 40 15.77 -21.51 2.69
CA SER B 40 16.65 -22.19 3.63
C SER B 40 15.96 -23.40 4.25
N LYS B 41 16.75 -24.45 4.44
CA LYS B 41 16.33 -25.61 5.22
C LYS B 41 17.00 -25.57 6.58
N SER B 42 16.23 -25.84 7.63
CA SER B 42 16.79 -25.85 8.97
C SER B 42 17.71 -27.06 9.16
N THR B 43 18.82 -26.83 9.85
CA THR B 43 19.82 -27.88 10.03
C THR B 43 19.26 -29.01 10.88
N ILE B 44 19.28 -30.23 10.35
CA ILE B 44 18.83 -31.41 11.07
C ILE B 44 20.05 -32.05 11.72
N GLY B 45 20.06 -32.08 13.05
CA GLY B 45 21.16 -32.68 13.77
C GLY B 45 22.42 -31.85 13.76
N VAL B 46 23.15 -31.86 12.64
CA VAL B 46 24.40 -31.14 12.52
C VAL B 46 24.73 -30.99 11.04
N GLU B 47 25.46 -29.93 10.71
CA GLU B 47 25.96 -29.69 9.36
C GLU B 47 27.48 -29.55 9.43
N PHE B 48 28.17 -30.14 8.45
CA PHE B 48 29.62 -30.20 8.45
C PHE B 48 30.17 -29.53 7.19
N ALA B 49 31.17 -28.68 7.38
CA ALA B 49 31.89 -28.06 6.28
C ALA B 49 33.32 -27.81 6.74
N THR B 50 34.25 -27.80 5.79
CA THR B 50 35.66 -27.75 6.13
C THR B 50 36.39 -26.78 5.21
N ARG B 51 37.53 -26.29 5.69
CA ARG B 51 38.38 -25.35 4.97
C ARG B 51 39.71 -25.26 5.70
N SER B 52 40.76 -24.92 4.96
CA SER B 52 42.11 -24.79 5.50
C SER B 52 42.56 -23.34 5.47
N ILE B 53 43.37 -22.97 6.47
CA ILE B 53 43.89 -21.61 6.63
C ILE B 53 45.34 -21.69 7.08
N GLN B 54 46.06 -20.58 6.90
CA GLN B 54 47.47 -20.48 7.25
C GLN B 54 47.65 -19.35 8.26
N VAL B 55 48.00 -19.71 9.49
CA VAL B 55 48.28 -18.75 10.55
C VAL B 55 49.74 -18.95 10.96
N ASP B 56 50.53 -17.88 10.85
CA ASP B 56 51.98 -17.93 11.08
C ASP B 56 52.65 -18.97 10.19
N GLY B 57 52.13 -19.15 8.98
CA GLY B 57 52.71 -20.09 8.05
C GLY B 57 52.42 -21.55 8.33
N LYS B 58 51.59 -21.86 9.31
CA LYS B 58 51.23 -23.22 9.63
C LYS B 58 49.83 -23.51 9.09
N THR B 59 49.72 -24.50 8.21
CA THR B 59 48.44 -24.81 7.58
C THR B 59 47.54 -25.53 8.58
N ILE B 60 46.41 -24.89 8.91
CA ILE B 60 45.46 -25.40 9.88
C ILE B 60 44.22 -25.88 9.14
N LYS B 61 43.68 -27.01 9.59
CA LYS B 61 42.42 -27.55 9.07
C LYS B 61 41.34 -27.38 10.12
N ALA B 62 40.18 -26.88 9.71
CA ALA B 62 39.10 -26.54 10.64
C ALA B 62 37.87 -27.37 10.31
N GLN B 63 37.45 -28.20 11.26
CA GLN B 63 36.21 -28.97 11.16
C GLN B 63 35.12 -28.15 11.84
N ILE B 64 34.26 -27.53 11.06
CA ILE B 64 33.21 -26.64 11.57
C ILE B 64 31.89 -27.39 11.54
N TRP B 65 31.20 -27.42 12.67
CA TRP B 65 29.94 -28.12 12.80
C TRP B 65 28.85 -27.14 13.22
N ASP B 66 27.73 -27.15 12.49
CA ASP B 66 26.57 -26.32 12.83
C ASP B 66 25.65 -27.15 13.71
N THR B 67 25.85 -27.04 15.03
CA THR B 67 25.05 -27.80 15.97
C THR B 67 23.65 -27.19 16.07
N ALA B 68 22.63 -28.00 15.82
CA ALA B 68 21.25 -27.54 15.88
C ALA B 68 20.82 -27.27 17.31
N LEU B 70 20.56 -27.34 21.16
CA LEU B 70 21.29 -28.57 21.45
C LEU B 70 20.38 -29.59 22.12
N GLU B 71 19.36 -29.11 22.84
CA GLU B 71 18.47 -30.01 23.58
C GLU B 71 17.70 -30.93 22.64
N ARG B 72 17.48 -30.51 21.39
CA ARG B 72 16.77 -31.36 20.44
C ARG B 72 17.59 -32.60 20.11
N TYR B 73 18.89 -32.43 19.87
CA TYR B 73 19.80 -33.56 19.66
C TYR B 73 20.85 -33.56 20.77
N ARG B 74 20.42 -33.78 22.01
CA ARG B 74 21.31 -33.63 23.16
C ARG B 74 22.43 -34.66 23.13
N ALA B 75 22.13 -35.89 22.69
CA ALA B 75 23.17 -36.92 22.68
C ALA B 75 24.23 -36.64 21.64
N ILE B 76 23.88 -35.97 20.55
CA ILE B 76 24.81 -35.73 19.45
C ILE B 76 25.49 -34.38 19.58
N THR B 77 24.72 -33.32 19.88
CA THR B 77 25.31 -31.99 19.96
C THR B 77 26.29 -31.88 21.13
N SER B 78 26.11 -32.70 22.16
CA SER B 78 27.06 -32.69 23.27
C SER B 78 28.38 -33.36 22.87
N ALA B 79 28.33 -34.35 21.99
CA ALA B 79 29.55 -35.00 21.52
C ALA B 79 30.40 -34.08 20.65
N TYR B 80 29.79 -33.06 20.04
CA TYR B 80 30.53 -32.07 19.26
C TYR B 80 31.06 -30.92 20.10
N TYR B 81 30.48 -30.69 21.29
CA TYR B 81 31.04 -29.69 22.19
C TYR B 81 32.31 -30.18 22.85
N ARG B 82 32.39 -31.50 23.11
CA ARG B 82 33.59 -32.07 23.70
C ARG B 82 34.76 -31.97 22.72
N GLY B 83 35.88 -31.45 23.21
CA GLY B 83 37.05 -31.26 22.38
C GLY B 83 36.98 -30.08 21.43
N ALA B 84 35.92 -29.29 21.49
CA ALA B 84 35.78 -28.14 20.60
C ALA B 84 36.74 -27.04 21.02
N VAL B 85 37.66 -26.69 20.12
CA VAL B 85 38.64 -25.67 20.46
C VAL B 85 38.02 -24.28 20.39
N GLY B 86 37.02 -24.10 19.52
CA GLY B 86 36.40 -22.80 19.35
C GLY B 86 34.91 -22.93 19.11
N ALA B 87 34.22 -21.80 19.22
CA ALA B 87 32.78 -21.74 19.02
C ALA B 87 32.41 -20.33 18.58
N LEU B 88 31.37 -20.24 17.77
CA LEU B 88 30.82 -18.98 17.28
C LEU B 88 29.36 -18.89 17.69
N LEU B 89 29.08 -18.07 18.70
CA LEU B 89 27.72 -17.78 19.13
C LEU B 89 27.18 -16.63 18.28
N VAL B 90 26.33 -16.95 17.31
CA VAL B 90 25.78 -15.97 16.38
C VAL B 90 24.33 -15.67 16.77
N TYR B 91 23.95 -14.41 16.66
CA TYR B 91 22.59 -13.97 16.92
C TYR B 91 22.12 -13.09 15.77
N ASP B 92 20.80 -12.93 15.68
CA ASP B 92 20.20 -12.13 14.63
C ASP B 92 20.13 -10.67 15.06
N ILE B 93 20.72 -9.79 14.26
CA ILE B 93 20.70 -8.36 14.58
C ILE B 93 19.27 -7.82 14.51
N ALA B 94 18.49 -8.29 13.54
CA ALA B 94 17.12 -7.81 13.34
C ALA B 94 16.09 -8.57 14.18
N LYS B 95 16.53 -9.31 15.19
CA LYS B 95 15.64 -10.03 16.09
C LYS B 95 16.22 -9.96 17.49
N HIS B 96 15.62 -9.14 18.35
CA HIS B 96 16.17 -8.92 19.69
C HIS B 96 16.00 -10.13 20.60
N LEU B 97 15.10 -11.06 20.26
CA LEU B 97 14.94 -12.25 21.07
C LEU B 97 16.18 -13.15 21.02
N THR B 98 16.75 -13.31 19.83
CA THR B 98 17.95 -14.13 19.67
C THR B 98 19.15 -13.52 20.38
N TYR B 99 19.09 -12.23 20.73
CA TYR B 99 20.15 -11.61 21.52
C TYR B 99 19.92 -11.73 23.02
N GLU B 100 18.66 -11.82 23.44
CA GLU B 100 18.38 -12.01 24.86
C GLU B 100 18.73 -13.41 25.32
N ASN B 101 18.64 -14.40 24.44
CA ASN B 101 18.95 -15.79 24.76
C ASN B 101 20.42 -16.12 24.59
N VAL B 102 21.28 -15.13 24.35
CA VAL B 102 22.71 -15.39 24.20
C VAL B 102 23.28 -15.95 25.49
N GLU B 103 22.87 -15.40 26.64
CA GLU B 103 23.35 -15.90 27.92
C GLU B 103 22.97 -17.37 28.11
N ARG B 104 21.77 -17.75 27.65
CA ARG B 104 21.35 -19.14 27.74
C ARG B 104 22.23 -20.04 26.87
N TRP B 105 22.62 -19.55 25.69
CA TRP B 105 23.51 -20.33 24.83
C TRP B 105 24.91 -20.43 25.42
N LEU B 106 25.39 -19.35 26.06
CA LEU B 106 26.66 -19.41 26.76
C LEU B 106 26.61 -20.42 27.91
N LYS B 107 25.47 -20.50 28.59
CA LYS B 107 25.35 -21.43 29.72
C LYS B 107 25.45 -22.88 29.25
N GLU B 108 24.76 -23.22 28.16
CA GLU B 108 24.81 -24.59 27.66
C GLU B 108 26.19 -24.91 27.10
N LEU B 109 26.85 -23.92 26.49
CA LEU B 109 28.20 -24.13 25.98
C LEU B 109 29.18 -24.39 27.13
N ARG B 110 29.12 -23.55 28.17
CA ARG B 110 30.00 -23.74 29.33
C ARG B 110 29.76 -25.07 30.01
N ASP B 111 28.53 -25.59 29.95
CA ASP B 111 28.24 -26.85 30.64
C ASP B 111 28.87 -28.04 29.93
N HIS B 112 29.05 -27.95 28.62
CA HIS B 112 29.49 -29.09 27.83
C HIS B 112 30.79 -28.86 27.07
N ALA B 113 31.35 -27.66 27.10
CA ALA B 113 32.60 -27.37 26.42
C ALA B 113 33.71 -27.10 27.42
N ASP B 114 34.95 -27.13 26.92
CA ASP B 114 36.10 -26.84 27.75
C ASP B 114 36.17 -25.35 28.05
N SER B 115 36.79 -25.02 29.20
CA SER B 115 36.92 -23.61 29.57
C SER B 115 37.85 -22.86 28.63
N ASN B 116 38.81 -23.56 28.01
CA ASN B 116 39.77 -22.92 27.15
C ASN B 116 39.18 -22.51 25.80
N ILE B 117 37.98 -22.97 25.47
CA ILE B 117 37.38 -22.69 24.18
C ILE B 117 37.13 -21.20 24.05
N VAL B 118 37.52 -20.64 22.91
CA VAL B 118 37.30 -19.23 22.62
C VAL B 118 35.97 -19.08 21.90
N ILE B 119 35.13 -18.17 22.40
CA ILE B 119 33.78 -17.97 21.89
C ILE B 119 33.67 -16.56 21.36
N MET B 120 33.18 -16.42 20.13
CA MET B 120 33.07 -15.14 19.45
C MET B 120 31.59 -14.82 19.25
N LEU B 121 31.13 -13.75 19.90
CA LEU B 121 29.75 -13.30 19.78
C LEU B 121 29.58 -12.57 18.45
N VAL B 122 28.96 -13.24 17.49
CA VAL B 122 28.80 -12.72 16.14
C VAL B 122 27.38 -12.20 15.97
N GLY B 123 27.24 -11.01 15.40
CA GLY B 123 25.94 -10.45 15.09
C GLY B 123 25.64 -10.51 13.60
N ASN B 124 25.00 -11.58 13.16
CA ASN B 124 24.73 -11.76 11.75
C ASN B 124 23.61 -10.82 11.28
N LYS B 125 23.40 -10.81 9.97
CA LYS B 125 22.39 -9.97 9.31
C LYS B 125 22.66 -8.49 9.55
N SER B 126 23.87 -8.05 9.19
CA SER B 126 24.21 -6.64 9.24
C SER B 126 23.75 -5.89 8.00
N ASP B 127 23.31 -6.60 6.95
CA ASP B 127 22.79 -5.93 5.76
C ASP B 127 21.41 -5.34 6.01
N LEU B 128 20.65 -5.90 6.94
CA LEU B 128 19.32 -5.37 7.28
C LEU B 128 19.51 -4.11 8.13
N ARG B 129 19.97 -3.05 7.46
CA ARG B 129 20.30 -1.81 8.16
C ARG B 129 19.09 -1.23 8.89
N HIS B 130 17.91 -1.26 8.24
CA HIS B 130 16.78 -0.52 8.77
C HIS B 130 16.01 -1.30 9.83
N LEU B 131 16.03 -2.62 9.77
CA LEU B 131 15.31 -3.47 10.72
C LEU B 131 16.12 -3.78 11.97
N ARG B 132 17.24 -3.10 12.17
CA ARG B 132 18.13 -3.41 13.29
C ARG B 132 17.41 -3.26 14.62
N ALA B 133 17.49 -4.31 15.44
CA ALA B 133 16.88 -4.30 16.76
C ALA B 133 17.87 -4.36 17.91
N VAL B 134 19.10 -4.79 17.65
CA VAL B 134 20.15 -4.91 18.66
C VAL B 134 21.23 -3.87 18.36
N PRO B 135 21.52 -2.95 19.26
CA PRO B 135 22.55 -1.96 19.00
C PRO B 135 23.94 -2.60 18.89
N THR B 136 24.78 -1.99 18.07
CA THR B 136 26.15 -2.48 17.90
C THR B 136 26.94 -2.30 19.18
N ASP B 137 26.74 -1.19 19.88
CA ASP B 137 27.51 -0.92 21.10
C ASP B 137 27.09 -1.81 22.25
N GLU B 138 25.79 -2.14 22.35
CA GLU B 138 25.35 -3.04 23.41
C GLU B 138 25.94 -4.44 23.26
N ALA B 139 26.15 -4.88 22.02
CA ALA B 139 26.77 -6.18 21.79
C ALA B 139 28.28 -6.13 22.02
N ARG B 140 28.92 -5.05 21.58
CA ARG B 140 30.36 -4.90 21.83
C ARG B 140 30.65 -4.74 23.32
N ALA B 141 29.76 -4.06 24.05
CA ALA B 141 29.92 -3.96 25.49
C ALA B 141 29.60 -5.28 26.17
N PHE B 142 28.61 -6.01 25.66
CA PHE B 142 28.29 -7.34 26.21
C PHE B 142 29.43 -8.32 25.97
N ALA B 143 30.20 -8.12 24.90
CA ALA B 143 31.33 -9.01 24.64
C ALA B 143 32.47 -8.77 25.63
N GLU B 144 32.83 -7.50 25.85
CA GLU B 144 33.92 -7.20 26.76
C GLU B 144 33.57 -7.58 28.19
N LYS B 145 32.28 -7.44 28.56
CA LYS B 145 31.86 -7.78 29.91
C LYS B 145 31.81 -9.28 30.15
N ASN B 146 31.66 -10.08 29.09
CA ASN B 146 31.61 -11.53 29.20
C ASN B 146 32.86 -12.22 28.66
N GLY B 147 33.83 -11.46 28.15
CA GLY B 147 35.05 -12.07 27.65
C GLY B 147 34.94 -12.72 26.29
N LEU B 148 34.11 -12.17 25.41
CA LEU B 148 33.88 -12.72 24.08
C LEU B 148 34.39 -11.72 23.02
N SER B 149 34.22 -12.09 21.75
CA SER B 149 34.62 -11.26 20.64
C SER B 149 33.38 -10.83 19.86
N PHE B 150 33.12 -9.53 19.81
CA PHE B 150 31.97 -8.98 19.10
C PHE B 150 32.40 -8.54 17.71
N ILE B 151 31.65 -8.96 16.71
CA ILE B 151 31.88 -8.56 15.32
C ILE B 151 30.64 -8.88 14.51
N GLU B 152 30.01 -7.87 13.94
CA GLU B 152 28.80 -8.07 13.15
C GLU B 152 29.17 -8.42 11.71
N THR B 153 28.54 -9.48 11.20
CA THR B 153 28.83 -10.01 9.87
C THR B 153 27.56 -10.01 9.04
N SER B 154 27.73 -10.31 7.75
CA SER B 154 26.60 -10.42 6.82
C SER B 154 26.90 -11.56 5.86
N ALA B 155 26.26 -12.71 6.10
CA ALA B 155 26.39 -13.84 5.19
C ALA B 155 25.77 -13.56 3.83
N LEU B 156 24.80 -12.65 3.77
CA LEU B 156 24.22 -12.24 2.48
C LEU B 156 25.17 -11.31 1.74
N ASP B 157 25.61 -10.23 2.38
CA ASP B 157 26.53 -9.29 1.77
C ASP B 157 27.97 -9.82 1.73
N SER B 158 28.24 -10.97 2.34
CA SER B 158 29.58 -11.55 2.38
C SER B 158 30.61 -10.55 2.90
N THR B 159 30.24 -9.82 3.95
CA THR B 159 31.13 -8.84 4.57
C THR B 159 31.44 -9.30 5.99
N ASN B 160 32.72 -9.27 6.36
CA ASN B 160 33.27 -9.74 7.62
C ASN B 160 33.11 -11.24 7.81
N VAL B 161 32.59 -11.98 6.83
CA VAL B 161 32.39 -13.41 7.00
C VAL B 161 33.72 -14.14 7.02
N GLU B 162 34.61 -13.81 6.07
CA GLU B 162 35.93 -14.41 6.06
C GLU B 162 36.88 -13.79 7.08
N ALA B 163 36.58 -12.57 7.54
CA ALA B 163 37.39 -11.91 8.54
C ALA B 163 36.96 -12.20 9.98
N ALA B 164 35.82 -12.86 10.16
CA ALA B 164 35.41 -13.27 11.50
C ALA B 164 35.98 -14.63 11.89
N PHE B 165 36.03 -15.56 10.93
CA PHE B 165 36.67 -16.85 11.20
C PHE B 165 38.17 -16.70 11.39
N GLN B 166 38.80 -15.77 10.66
CA GLN B 166 40.24 -15.59 10.75
C GLN B 166 40.66 -14.74 11.94
N THR B 167 39.71 -14.16 12.68
CA THR B 167 40.01 -13.50 13.94
C THR B 167 39.69 -14.37 15.14
N ILE B 168 39.12 -15.56 14.93
CA ILE B 168 38.99 -16.55 15.98
C ILE B 168 39.94 -17.72 15.77
N LEU B 169 40.33 -18.02 14.53
CA LEU B 169 41.33 -19.05 14.28
C LEU B 169 42.73 -18.54 14.60
N THR B 170 43.03 -17.29 14.24
CA THR B 170 44.27 -16.68 14.70
C THR B 170 44.31 -16.57 16.21
N GLU B 171 43.15 -16.35 16.84
CA GLU B 171 43.08 -16.36 18.30
C GLU B 171 43.23 -17.77 18.85
N ILE B 172 42.66 -18.77 18.16
CA ILE B 172 42.82 -20.15 18.57
C ILE B 172 44.27 -20.60 18.41
N TYR B 173 45.02 -19.97 17.51
CA TYR B 173 46.43 -20.31 17.36
C TYR B 173 47.28 -19.56 18.37
N ARG B 174 46.94 -18.30 18.65
CA ARG B 174 47.73 -17.51 19.59
C ARG B 174 47.56 -17.97 21.03
N ILE B 175 46.44 -18.63 21.35
CA ILE B 175 46.21 -19.16 22.68
C ILE B 175 46.81 -20.55 22.86
N VAL B 176 47.13 -21.25 21.77
CA VAL B 176 47.89 -22.49 21.85
C VAL B 176 49.39 -22.26 21.84
N SER B 177 49.83 -21.01 21.79
CA SER B 177 51.26 -20.71 21.82
C SER B 177 51.87 -21.07 23.18
N GLN B 178 51.06 -21.10 24.24
CA GLN B 178 51.52 -21.47 25.56
C GLN B 178 51.64 -22.99 25.62
N LYS B 179 52.74 -23.50 25.07
CA LYS B 179 53.00 -24.93 25.04
C LYS B 179 54.40 -25.25 25.56
#